data_5OCA
#
_entry.id   5OCA
#
_cell.length_a   264.721
_cell.length_b   137.352
_cell.length_c   69.885
_cell.angle_alpha   90.00
_cell.angle_beta   102.84
_cell.angle_gamma   90.00
#
_symmetry.space_group_name_H-M   'C 1 2 1'
#
loop_
_entity.id
_entity.type
_entity.pdbx_description
1 polymer 'Proprotein convertase subtilisin/kexin type 9'
2 polymer 'Proprotein convertase subtilisin/kexin type 9'
3 polymer 'Fab from LDLR competitive antibody: Heavy chain'
4 polymer 'Fab from LDLR competitive antibody: Light chain'
5 branched 2,3,4-tri-O-sulfo-beta-D-altropyranose-(1-6)-2,3-di-O-sulfo-alpha-L-glucopyranose
6 non-polymer 'SODIUM ION'
7 water water
#
loop_
_entity_poly.entity_id
_entity_poly.type
_entity_poly.pdbx_seq_one_letter_code
_entity_poly.pdbx_strand_id
1 'polypeptide(L)'
;GAMGQEDEDGDYEELVLALRSEEDGLAEAPEHGTTATFHRCAKDPWRLPGTYVVVLKEETHLSQSERTARRLQAQAARRG
YLTKILHVFHGLLPGFLVKMSGDLLELALKLPHVDYIEEDSSVFAQ
;
A
2 'polypeptide(L)'
;SIPWNLERITPPRYRADEYQPPDGGSLVEVYLLDTSIQSDHREIEGRVMVTDFENVPEEDGTRFHRQASKCDSHGTHLAG
VVSGRDAGVAKGASMRSLRVLNCQGKGTVSGTLIGLEFIRKSQLVQPVGPLVVLLPLAGGYSRVLNAACQRLARAGVVLV
TAAGNFRDDACLYSPASAPEVITVGATNAQDQPVTLGTLGTNFGRCVDLFAPGEDIIGASSDCSTCFVSQSGTSQAAAHV
AGIAAMMLSAEPELTLAELRQRLIHFSAKDVINEAWFPEDQRVLTPNLVAALPPSTHGAGWQLFCRTVWSAHSGPTRMAT
AIARCAPDEELLSCSSFSRSGKRRGERMEAQGGKLVCRAHNAFGGEGVYAIARCCLLPQAACSVHTAPPAEASMGTRVHC
HQQGHVLTGCSSHWEVEDLGTHKPPVLRPRGQPNQCVGHREASIHASCCHAPGLECKVKEHGIPAPQGQVTVACEEGWTL
TGCSALPGTSHVLGAYAVDNTCVVRSRDVSTTGSTSEEAVTAVAICCRSRHLAQASQELQ
;
B
3 'polypeptide(L)'
;EVQLVESGGGLVKPGGSLRLSCAASGFTFSSYSMNWVRQAPGKGLEWVSSISSSSSYISYADSVKGRFTISRDNAKNSLY
LQMNSLRAEDTAVYFCARDYDFWSAYYDAFDVWGQGTMVTVSSASTKGPSVFPLAPSSKSTSGGTAALGCLVKDYFPEPV
TVSWNSGALTSGVHTFPAVLQSSGLYSLSSVVTVPSSSLGTQTYICNVNHKPSNTKVDKKVEPKSCAADEVDHHHHHH
;
H
4 'polypeptide(L)'
;ESVLTQPPSVSGAPGQRVTISCTGSSSNIGAGYDVHWYQQLPGTAPKLLISGNSNRPSGVPDRFSGSKSGTSASLAITGL
QAEDEADYYCQSYDSSLSGSVFGGGTKLTVLGQPKAAPSVTLFPPSSEELQANKATLVCLISDFYPGAVTVAWKADSSPV
KAGVETTTPSKQSNNKYAASSYLSLTPEQWKSHRSYSCQVTHEGSTVEKTVAPTECS
;
L
#
loop_
_chem_comp.id
_chem_comp.type
_chem_comp.name
_chem_comp.formula
NA non-polymer 'SODIUM ION' 'Na 1'
TWA D-saccharide, beta linking 2,3,4-tri-O-sulfo-beta-D-altropyranose 'C6 H12 O15 S3'
TWD L-saccharide, beta linking 2,3-di-O-sulfo-alpha-L-glucopyranose 'C6 H12 O12 S2'
#
# COMPACT_ATOMS: atom_id res chain seq x y z
N THR A 35 -8.28 6.08 -39.19
CA THR A 35 -7.99 4.64 -39.12
C THR A 35 -8.24 4.06 -37.72
N ALA A 36 -8.61 2.78 -37.68
CA ALA A 36 -9.06 2.14 -36.46
C ALA A 36 -7.87 1.66 -35.64
N THR A 37 -7.86 1.99 -34.35
CA THR A 37 -6.76 1.67 -33.46
C THR A 37 -7.19 0.58 -32.47
N PHE A 38 -6.21 -0.11 -31.92
CA PHE A 38 -6.44 -1.13 -30.90
C PHE A 38 -5.88 -0.66 -29.57
N HIS A 39 -6.61 -0.94 -28.49
CA HIS A 39 -6.27 -0.48 -27.14
C HIS A 39 -6.38 -1.64 -26.16
N ARG A 40 -5.46 -1.66 -25.20
CA ARG A 40 -5.44 -2.68 -24.17
C ARG A 40 -4.98 -2.02 -22.88
N CYS A 41 -5.26 -2.70 -21.76
CA CYS A 41 -4.79 -2.22 -20.47
C CYS A 41 -3.27 -2.20 -20.41
N ALA A 42 -2.71 -1.09 -19.92
CA ALA A 42 -1.27 -1.04 -19.71
C ALA A 42 -0.81 -2.00 -18.62
N LYS A 43 -1.64 -2.27 -17.61
CA LYS A 43 -1.23 -3.17 -16.51
C LYS A 43 -1.46 -4.60 -16.95
N ASP A 44 -0.39 -5.28 -17.30
CA ASP A 44 -0.51 -6.59 -17.94
C ASP A 44 -1.31 -7.62 -17.14
N PRO A 45 -1.16 -7.76 -15.82
CA PRO A 45 -1.97 -8.77 -15.11
C PRO A 45 -3.46 -8.43 -15.02
N TRP A 46 -3.87 -7.23 -15.42
CA TRP A 46 -5.28 -6.85 -15.42
C TRP A 46 -5.94 -7.05 -16.77
N ARG A 47 -5.18 -7.45 -17.79
CA ARG A 47 -5.72 -7.70 -19.12
C ARG A 47 -6.63 -8.92 -19.12
N LEU A 48 -7.68 -8.88 -19.94
CA LEU A 48 -8.59 -10.01 -20.13
C LEU A 48 -8.69 -10.33 -21.62
N PRO A 49 -7.62 -10.85 -22.23
CA PRO A 49 -7.66 -11.11 -23.68
C PRO A 49 -8.73 -12.14 -24.04
N GLY A 50 -9.21 -12.06 -25.28
CA GLY A 50 -10.29 -12.93 -25.70
C GLY A 50 -11.68 -12.28 -25.69
N THR A 51 -11.84 -11.12 -25.06
CA THR A 51 -13.09 -10.36 -25.11
C THR A 51 -12.75 -8.92 -25.46
N TYR A 52 -13.51 -8.36 -26.40
CA TYR A 52 -13.21 -7.08 -27.03
C TYR A 52 -14.49 -6.24 -27.11
N VAL A 53 -14.34 -4.95 -26.81
CA VAL A 53 -15.37 -3.96 -27.10
C VAL A 53 -15.00 -3.34 -28.43
N VAL A 54 -15.88 -3.48 -29.43
CA VAL A 54 -15.71 -2.85 -30.73
C VAL A 54 -16.53 -1.58 -30.72
N VAL A 55 -15.86 -0.43 -30.75
CA VAL A 55 -16.54 0.86 -30.70
C VAL A 55 -16.63 1.40 -32.12
N LEU A 56 -17.86 1.68 -32.55
CA LEU A 56 -18.13 2.18 -33.89
C LEU A 56 -18.15 3.71 -33.89
N LYS A 57 -17.98 4.29 -35.07
CA LYS A 57 -17.95 5.75 -35.18
C LYS A 57 -19.22 6.37 -34.64
N GLU A 58 -19.08 7.58 -34.12
CA GLU A 58 -20.21 8.32 -33.60
C GLU A 58 -21.25 8.52 -34.70
N GLU A 59 -22.52 8.46 -34.33
CA GLU A 59 -23.71 8.55 -35.18
C GLU A 59 -24.10 7.20 -35.79
N THR A 60 -23.29 6.15 -35.60
CA THR A 60 -23.70 4.83 -36.08
C THR A 60 -25.01 4.41 -35.40
N HIS A 61 -25.95 3.95 -36.21
CA HIS A 61 -27.26 3.55 -35.72
C HIS A 61 -27.23 2.10 -35.25
N LEU A 62 -28.19 1.76 -34.37
CA LEU A 62 -28.25 0.42 -33.80
C LEU A 62 -28.25 -0.65 -34.87
N SER A 63 -29.03 -0.45 -35.96
CA SER A 63 -29.11 -1.51 -36.95
C SER A 63 -27.78 -1.72 -37.67
N GLN A 64 -26.95 -0.67 -37.78
CA GLN A 64 -25.62 -0.84 -38.35
C GLN A 64 -24.63 -1.53 -37.41
N SER A 65 -24.67 -1.21 -36.11
CA SER A 65 -23.87 -1.97 -35.13
C SER A 65 -24.26 -3.44 -35.15
N GLU A 66 -25.58 -3.71 -35.14
CA GLU A 66 -26.10 -5.07 -35.19
C GLU A 66 -25.55 -5.82 -36.40
N ARG A 67 -25.58 -5.18 -37.57
CA ARG A 67 -25.11 -5.81 -38.80
C ARG A 67 -23.59 -5.95 -38.82
N THR A 68 -22.88 -4.95 -38.31
CA THR A 68 -21.43 -5.06 -38.24
C THR A 68 -21.00 -6.24 -37.36
N ALA A 69 -21.68 -6.44 -36.22
CA ALA A 69 -21.40 -7.61 -35.40
C ALA A 69 -21.61 -8.91 -36.19
N ARG A 70 -22.73 -9.02 -36.92
CA ARG A 70 -23.03 -10.25 -37.66
C ARG A 70 -22.04 -10.45 -38.81
N ARG A 71 -21.58 -9.35 -39.41
CA ARG A 71 -20.58 -9.47 -40.46
C ARG A 71 -19.25 -9.98 -39.90
N LEU A 72 -18.84 -9.48 -38.73
CA LEU A 72 -17.62 -10.00 -38.11
C LEU A 72 -17.75 -11.49 -37.86
N GLN A 73 -18.92 -11.93 -37.37
CA GLN A 73 -19.12 -13.35 -37.08
C GLN A 73 -18.99 -14.18 -38.34
N ALA A 74 -19.53 -13.68 -39.45
CA ALA A 74 -19.53 -14.42 -40.71
C ALA A 74 -18.14 -14.48 -41.31
N GLN A 75 -17.41 -13.36 -41.28
CA GLN A 75 -16.03 -13.36 -41.74
C GLN A 75 -15.18 -14.31 -40.92
N ALA A 76 -15.37 -14.33 -39.60
CA ALA A 76 -14.53 -15.18 -38.76
C ALA A 76 -14.88 -16.66 -38.93
N ALA A 77 -16.17 -16.95 -39.15
CA ALA A 77 -16.59 -18.33 -39.36
C ALA A 77 -16.01 -18.90 -40.64
N ARG A 78 -15.88 -18.07 -41.69
CA ARG A 78 -15.27 -18.51 -42.93
C ARG A 78 -13.79 -18.84 -42.75
N ARG A 79 -13.14 -18.30 -41.71
CA ARG A 79 -11.75 -18.61 -41.45
C ARG A 79 -11.58 -19.68 -40.40
N GLY A 80 -12.67 -20.33 -40.00
CA GLY A 80 -12.59 -21.42 -39.04
C GLY A 80 -12.67 -21.02 -37.58
N TYR A 81 -13.12 -19.81 -37.29
CA TYR A 81 -13.18 -19.29 -35.92
C TYR A 81 -14.62 -19.18 -35.45
N LEU A 82 -14.91 -19.82 -34.32
CA LEU A 82 -16.15 -19.53 -33.59
C LEU A 82 -15.98 -18.24 -32.80
N THR A 83 -17.01 -17.39 -32.85
CA THR A 83 -17.07 -16.16 -32.08
C THR A 83 -18.44 -16.05 -31.42
N LYS A 84 -18.53 -15.21 -30.38
CA LYS A 84 -19.79 -14.95 -29.70
C LYS A 84 -20.00 -13.45 -29.53
N ILE A 85 -21.14 -12.95 -30.01
CA ILE A 85 -21.59 -11.60 -29.71
C ILE A 85 -22.27 -11.67 -28.35
N LEU A 86 -21.74 -10.92 -27.40
CA LEU A 86 -22.28 -10.94 -26.05
C LEU A 86 -23.27 -9.82 -25.80
N HIS A 87 -23.17 -8.74 -26.57
CA HIS A 87 -23.92 -7.52 -26.33
C HIS A 87 -23.75 -6.58 -27.52
N VAL A 88 -24.83 -5.92 -27.91
CA VAL A 88 -24.76 -4.86 -28.90
C VAL A 88 -25.16 -3.58 -28.18
N PHE A 89 -24.24 -2.62 -28.13
CA PHE A 89 -24.50 -1.39 -27.39
C PHE A 89 -25.32 -0.42 -28.22
N HIS A 90 -26.23 0.27 -27.55
CA HIS A 90 -26.90 1.43 -28.12
C HIS A 90 -27.35 2.31 -26.98
N GLY A 91 -27.28 3.61 -27.17
CA GLY A 91 -27.72 4.50 -26.11
C GLY A 91 -26.60 5.30 -25.46
N LEU A 92 -25.51 4.64 -25.06
CA LEU A 92 -24.34 5.36 -24.56
C LEU A 92 -23.34 5.52 -25.69
N LEU A 93 -22.78 4.41 -26.15
CA LEU A 93 -21.89 4.35 -27.28
C LEU A 93 -22.39 3.33 -28.28
N PRO A 94 -22.04 3.44 -29.54
CA PRO A 94 -22.43 2.41 -30.49
C PRO A 94 -21.32 1.38 -30.68
N GLY A 95 -21.70 0.11 -30.66
CA GLY A 95 -20.76 -0.96 -30.91
C GLY A 95 -21.25 -2.25 -30.29
N PHE A 96 -20.30 -3.14 -29.99
CA PHE A 96 -20.70 -4.45 -29.51
C PHE A 96 -19.55 -5.11 -28.77
N LEU A 97 -19.92 -6.09 -27.95
CA LEU A 97 -19.03 -6.89 -27.14
C LEU A 97 -18.92 -8.26 -27.76
N VAL A 98 -17.69 -8.72 -28.03
CA VAL A 98 -17.48 -9.96 -28.76
C VAL A 98 -16.42 -10.79 -28.05
N LYS A 99 -16.73 -12.08 -27.87
CA LYS A 99 -15.75 -13.05 -27.39
C LYS A 99 -15.15 -13.76 -28.60
N MET A 100 -13.84 -13.64 -28.78
CA MET A 100 -13.21 -14.16 -29.98
C MET A 100 -11.71 -14.22 -29.78
N SER A 101 -11.04 -14.93 -30.68
CA SER A 101 -9.59 -15.06 -30.62
C SER A 101 -8.93 -13.76 -31.06
N GLY A 102 -7.87 -13.38 -30.33
CA GLY A 102 -7.04 -12.25 -30.71
C GLY A 102 -6.45 -12.36 -32.12
N ASP A 103 -6.40 -13.57 -32.68
CA ASP A 103 -6.01 -13.71 -34.09
C ASP A 103 -6.84 -12.84 -35.01
N LEU A 104 -8.10 -12.57 -34.65
CA LEU A 104 -9.04 -11.90 -35.53
C LEU A 104 -9.00 -10.38 -35.42
N LEU A 105 -8.12 -9.80 -34.60
CA LEU A 105 -8.14 -8.36 -34.40
C LEU A 105 -7.87 -7.60 -35.69
N GLU A 106 -6.92 -8.07 -36.51
CA GLU A 106 -6.63 -7.38 -37.76
C GLU A 106 -7.86 -7.37 -38.67
N LEU A 107 -8.55 -8.51 -38.76
CA LEU A 107 -9.80 -8.58 -39.49
C LEU A 107 -10.83 -7.60 -38.93
N ALA A 108 -10.99 -7.59 -37.60
CA ALA A 108 -12.03 -6.75 -37.00
C ALA A 108 -11.76 -5.27 -37.22
N LEU A 109 -10.48 -4.88 -37.21
CA LEU A 109 -10.11 -3.48 -37.43
C LEU A 109 -10.48 -2.98 -38.81
N LYS A 110 -10.70 -3.88 -39.78
CA LYS A 110 -11.05 -3.48 -41.14
C LYS A 110 -12.56 -3.43 -41.38
N LEU A 111 -13.37 -3.72 -40.37
CA LEU A 111 -14.81 -3.67 -40.53
C LEU A 111 -15.26 -2.23 -40.81
N PRO A 112 -16.32 -2.05 -41.59
CA PRO A 112 -16.86 -0.70 -41.78
C PRO A 112 -17.34 -0.15 -40.45
N HIS A 113 -17.23 1.18 -40.30
CA HIS A 113 -17.68 1.97 -39.17
C HIS A 113 -16.81 1.88 -37.92
N VAL A 114 -15.76 1.06 -37.89
CA VAL A 114 -15.05 0.85 -36.63
C VAL A 114 -14.24 2.10 -36.29
N ASP A 115 -14.43 2.61 -35.08
CA ASP A 115 -13.58 3.67 -34.56
C ASP A 115 -12.33 3.08 -33.89
N TYR A 116 -12.53 2.20 -32.91
CA TYR A 116 -11.41 1.51 -32.29
C TYR A 116 -11.93 0.28 -31.58
N ILE A 117 -11.01 -0.58 -31.17
CA ILE A 117 -11.31 -1.83 -30.49
C ILE A 117 -10.52 -1.87 -29.20
N GLU A 118 -11.20 -2.17 -28.10
CA GLU A 118 -10.54 -2.25 -26.80
C GLU A 118 -10.67 -3.65 -26.22
N GLU A 119 -9.56 -4.18 -25.72
CA GLU A 119 -9.53 -5.45 -25.04
C GLU A 119 -10.09 -5.31 -23.63
N ASP A 120 -10.95 -6.24 -23.23
CA ASP A 120 -11.52 -6.18 -21.89
C ASP A 120 -10.41 -6.24 -20.83
N SER A 121 -10.71 -5.71 -19.64
CA SER A 121 -9.75 -5.75 -18.54
C SER A 121 -10.51 -5.65 -17.24
N SER A 122 -9.79 -5.87 -16.13
CA SER A 122 -10.44 -5.97 -14.83
C SER A 122 -10.58 -4.62 -14.15
N VAL A 123 -11.59 -4.52 -13.28
CA VAL A 123 -11.75 -3.40 -12.35
C VAL A 123 -11.93 -4.02 -10.97
N PHE A 124 -11.60 -3.25 -9.94
CA PHE A 124 -11.47 -3.80 -8.60
C PHE A 124 -12.11 -2.85 -7.60
N ALA A 125 -12.76 -3.43 -6.58
CA ALA A 125 -13.22 -2.65 -5.45
C ALA A 125 -12.08 -1.78 -4.91
N GLN A 126 -12.39 -0.52 -4.59
CA GLN A 126 -11.38 0.34 -3.99
C GLN A 126 -11.73 0.61 -2.53
N SER B 1 -19.72 12.33 19.93
CA SER B 1 -20.36 11.01 19.87
C SER B 1 -20.83 10.72 18.46
N ILE B 2 -20.46 11.59 17.52
CA ILE B 2 -20.79 11.37 16.12
C ILE B 2 -19.49 11.10 15.36
N PRO B 3 -19.52 10.32 14.28
CA PRO B 3 -18.27 9.87 13.66
C PRO B 3 -17.44 11.05 13.17
N TRP B 4 -16.12 10.94 13.34
CA TRP B 4 -15.22 12.05 13.00
C TRP B 4 -15.40 12.48 11.56
N ASN B 5 -15.68 11.52 10.67
CA ASN B 5 -15.77 11.80 9.25
C ASN B 5 -17.04 12.59 8.90
N LEU B 6 -18.12 12.37 9.64
CA LEU B 6 -19.33 13.16 9.41
C LEU B 6 -19.15 14.59 9.92
N GLU B 7 -18.51 14.74 11.08
CA GLU B 7 -18.16 16.08 11.56
C GLU B 7 -17.24 16.79 10.57
N ARG B 8 -16.30 16.06 9.97
CA ARG B 8 -15.24 16.68 9.18
C ARG B 8 -15.79 17.36 7.93
N ILE B 9 -16.81 16.76 7.30
CA ILE B 9 -17.44 17.38 6.12
C ILE B 9 -18.52 18.40 6.48
N THR B 10 -18.88 18.51 7.76
CA THR B 10 -19.86 19.51 8.18
C THR B 10 -19.14 20.81 8.50
N PRO B 11 -19.43 21.90 7.80
CA PRO B 11 -18.65 23.15 7.97
C PRO B 11 -19.05 23.86 9.25
N PRO B 12 -18.27 24.89 9.67
CA PRO B 12 -18.61 25.63 10.90
C PRO B 12 -20.05 26.15 10.95
N ARG B 13 -20.44 26.97 9.97
CA ARG B 13 -21.75 27.60 9.99
C ARG B 13 -22.78 26.79 9.21
N TYR B 14 -22.94 25.52 9.61
CA TYR B 14 -23.86 24.61 8.94
C TYR B 14 -25.29 24.83 9.44
N ARG B 15 -26.24 24.82 8.50
CA ARG B 15 -27.66 25.03 8.81
C ARG B 15 -28.45 23.99 8.03
N ALA B 16 -28.94 22.96 8.72
CA ALA B 16 -29.54 21.78 8.09
C ALA B 16 -30.90 22.05 7.44
N ASP B 17 -30.93 22.90 6.41
CA ASP B 17 -32.14 23.11 5.63
C ASP B 17 -31.80 23.68 4.24
N LEU B 27 -36.19 13.84 -4.49
CA LEU B 27 -36.09 13.90 -5.95
C LEU B 27 -34.77 13.32 -6.56
N VAL B 28 -33.72 13.17 -5.76
CA VAL B 28 -32.42 12.76 -6.29
C VAL B 28 -32.25 11.24 -6.18
N GLU B 29 -31.80 10.62 -7.25
CA GLU B 29 -31.47 9.20 -7.29
C GLU B 29 -29.95 9.01 -7.26
N VAL B 30 -29.46 8.17 -6.34
CA VAL B 30 -28.04 7.79 -6.31
C VAL B 30 -27.92 6.33 -6.77
N TYR B 31 -27.21 6.10 -7.88
CA TYR B 31 -26.91 4.74 -8.32
C TYR B 31 -25.55 4.31 -7.81
N LEU B 32 -25.48 3.05 -7.33
CA LEU B 32 -24.27 2.46 -6.80
C LEU B 32 -23.93 1.25 -7.67
N LEU B 33 -22.76 1.29 -8.32
CA LEU B 33 -22.24 0.16 -9.07
C LEU B 33 -21.16 -0.49 -8.21
N ASP B 34 -21.44 -1.68 -7.66
CA ASP B 34 -20.50 -2.25 -6.70
C ASP B 34 -20.81 -3.74 -6.54
N THR B 35 -20.48 -4.29 -5.38
CA THR B 35 -20.82 -5.66 -5.04
C THR B 35 -22.31 -5.74 -4.72
N SER B 36 -22.78 -6.95 -4.45
CA SER B 36 -24.12 -7.09 -3.93
C SER B 36 -24.21 -6.36 -2.59
N ILE B 37 -25.44 -6.03 -2.19
CA ILE B 37 -25.67 -5.33 -0.94
C ILE B 37 -26.67 -6.12 -0.11
N GLN B 38 -26.66 -5.84 1.20
CA GLN B 38 -27.62 -6.40 2.16
C GLN B 38 -28.72 -5.36 2.34
N SER B 39 -29.77 -5.45 1.51
CA SER B 39 -30.78 -4.39 1.50
C SER B 39 -31.68 -4.39 2.74
N ASP B 40 -31.70 -5.49 3.50
CA ASP B 40 -32.41 -5.57 4.77
C ASP B 40 -31.78 -4.78 5.90
N HIS B 41 -30.52 -4.33 5.76
CA HIS B 41 -29.84 -3.68 6.87
C HIS B 41 -30.59 -2.44 7.33
N ARG B 42 -30.61 -2.26 8.66
CA ARG B 42 -31.41 -1.19 9.25
C ARG B 42 -30.96 0.19 8.78
N GLU B 43 -29.69 0.33 8.38
CA GLU B 43 -29.21 1.62 7.92
C GLU B 43 -29.87 2.04 6.62
N ILE B 44 -30.23 1.08 5.76
CA ILE B 44 -30.68 1.38 4.41
C ILE B 44 -32.02 0.74 4.08
N GLU B 45 -32.57 -0.08 4.98
CA GLU B 45 -33.86 -0.75 4.83
C GLU B 45 -34.93 0.15 4.22
N GLY B 46 -35.45 -0.24 3.07
CA GLY B 46 -36.55 0.46 2.45
C GLY B 46 -36.20 1.75 1.74
N ARG B 47 -34.95 2.19 1.76
CA ARG B 47 -34.53 3.35 1.00
C ARG B 47 -33.59 3.01 -0.15
N VAL B 48 -33.05 1.80 -0.17
CA VAL B 48 -32.21 1.34 -1.28
C VAL B 48 -32.92 0.17 -1.94
N MET B 49 -33.05 0.24 -3.26
CA MET B 49 -33.68 -0.83 -4.02
C MET B 49 -32.62 -1.56 -4.84
N VAL B 50 -32.66 -2.89 -4.81
CA VAL B 50 -31.77 -3.71 -5.62
C VAL B 50 -32.40 -3.84 -7.00
N THR B 51 -31.78 -3.20 -8.01
CA THR B 51 -32.19 -3.44 -9.38
C THR B 51 -31.86 -4.89 -9.76
N ASP B 52 -32.39 -5.35 -10.87
CA ASP B 52 -32.02 -6.70 -11.22
C ASP B 52 -30.76 -6.76 -12.06
N PHE B 53 -29.99 -5.67 -12.13
CA PHE B 53 -28.77 -5.68 -12.93
C PHE B 53 -27.65 -6.44 -12.23
N GLU B 54 -27.03 -7.36 -12.97
CA GLU B 54 -25.91 -8.12 -12.46
C GLU B 54 -25.07 -8.54 -13.65
N ASN B 55 -23.79 -8.13 -13.66
CA ASN B 55 -22.85 -8.57 -14.69
C ASN B 55 -21.47 -8.65 -14.04
N VAL B 56 -21.09 -9.85 -13.60
CA VAL B 56 -19.83 -10.03 -12.88
C VAL B 56 -19.14 -11.29 -13.37
N PRO B 57 -17.80 -11.28 -13.36
CA PRO B 57 -17.06 -12.51 -13.66
C PRO B 57 -17.17 -13.49 -12.51
N GLU B 58 -17.04 -14.77 -12.80
CA GLU B 58 -17.10 -15.72 -11.70
C GLU B 58 -15.86 -15.61 -10.82
N GLU B 59 -16.02 -16.01 -9.57
CA GLU B 59 -14.95 -16.01 -8.59
C GLU B 59 -13.84 -16.97 -8.99
N ASP B 60 -12.65 -16.73 -8.43
CA ASP B 60 -11.54 -17.68 -8.55
C ASP B 60 -11.83 -18.82 -7.59
N GLY B 61 -12.30 -19.94 -8.14
CA GLY B 61 -12.81 -21.02 -7.31
C GLY B 61 -11.75 -21.69 -6.43
N THR B 62 -10.47 -21.61 -6.81
CA THR B 62 -9.43 -22.20 -5.97
C THR B 62 -9.27 -21.49 -4.62
N ARG B 63 -9.73 -20.24 -4.50
CA ARG B 63 -9.69 -19.50 -3.25
C ARG B 63 -11.05 -19.12 -2.71
N PHE B 64 -12.14 -19.61 -3.30
CA PHE B 64 -13.48 -19.15 -2.94
C PHE B 64 -14.21 -20.23 -2.15
N HIS B 65 -14.62 -19.87 -0.93
CA HIS B 65 -15.41 -20.73 -0.04
C HIS B 65 -16.68 -19.95 0.20
N ARG B 66 -17.72 -20.29 -0.55
CA ARG B 66 -18.96 -19.50 -0.49
C ARG B 66 -19.55 -19.50 0.91
N GLN B 67 -19.45 -20.63 1.60
CA GLN B 67 -19.95 -20.73 2.97
C GLN B 67 -19.37 -19.63 3.87
N ALA B 68 -18.10 -19.26 3.67
CA ALA B 68 -17.42 -18.31 4.55
C ALA B 68 -17.41 -16.89 4.02
N SER B 69 -17.53 -16.71 2.71
CA SER B 69 -17.43 -15.39 2.11
C SER B 69 -18.61 -14.49 2.49
N LYS B 70 -18.31 -13.23 2.77
CA LYS B 70 -19.33 -12.19 2.95
C LYS B 70 -19.40 -11.39 1.65
N CYS B 71 -20.30 -11.79 0.77
CA CYS B 71 -20.37 -11.20 -0.56
C CYS B 71 -20.84 -9.74 -0.55
N ASP B 72 -21.55 -9.33 0.50
CA ASP B 72 -22.21 -8.03 0.61
C ASP B 72 -21.39 -6.98 1.33
N SER B 73 -20.21 -7.34 1.83
CA SER B 73 -19.53 -6.48 2.80
C SER B 73 -19.21 -5.10 2.23
N HIS B 74 -18.68 -5.04 1.01
CA HIS B 74 -18.20 -3.77 0.47
C HIS B 74 -19.36 -2.85 0.04
N GLY B 75 -20.31 -3.38 -0.73
CA GLY B 75 -21.42 -2.54 -1.17
C GLY B 75 -22.30 -2.07 -0.03
N THR B 76 -22.62 -2.97 0.92
CA THR B 76 -23.47 -2.58 2.04
C THR B 76 -22.86 -1.42 2.80
N HIS B 77 -21.55 -1.50 3.06
CA HIS B 77 -20.90 -0.45 3.82
C HIS B 77 -20.96 0.88 3.07
N LEU B 78 -20.78 0.84 1.74
CA LEU B 78 -20.77 2.08 0.96
C LEU B 78 -22.17 2.70 0.89
N ALA B 79 -23.19 1.86 0.67
CA ALA B 79 -24.57 2.35 0.69
C ALA B 79 -24.88 3.02 2.01
N GLY B 80 -24.43 2.41 3.11
CA GLY B 80 -24.57 3.03 4.42
C GLY B 80 -23.84 4.36 4.54
N VAL B 81 -22.60 4.44 4.01
CA VAL B 81 -21.88 5.72 4.08
C VAL B 81 -22.64 6.81 3.33
N VAL B 82 -23.21 6.49 2.18
CA VAL B 82 -23.93 7.49 1.40
C VAL B 82 -25.23 7.90 2.10
N SER B 83 -26.04 6.92 2.50
CA SER B 83 -27.41 7.22 2.89
C SER B 83 -27.88 6.54 4.18
N GLY B 84 -26.98 5.97 4.98
CA GLY B 84 -27.41 5.29 6.18
C GLY B 84 -28.16 6.20 7.13
N ARG B 85 -29.12 5.60 7.85
CA ARG B 85 -30.00 6.35 8.74
C ARG B 85 -29.22 7.05 9.85
N ASP B 86 -28.27 6.34 10.47
CA ASP B 86 -27.54 6.88 11.62
C ASP B 86 -26.15 7.37 11.25
N ALA B 87 -25.45 6.71 10.33
CA ALA B 87 -24.05 7.03 10.04
C ALA B 87 -23.82 7.50 8.61
N GLY B 88 -24.89 7.75 7.83
CA GLY B 88 -24.73 8.19 6.46
C GLY B 88 -24.53 9.68 6.32
N VAL B 89 -24.09 10.08 5.12
CA VAL B 89 -23.90 11.49 4.82
C VAL B 89 -25.22 12.14 4.42
N ALA B 90 -25.94 11.54 3.46
CA ALA B 90 -27.27 12.01 3.06
C ALA B 90 -28.29 11.02 3.62
N LYS B 91 -28.65 11.24 4.89
CA LYS B 91 -29.41 10.25 5.63
C LYS B 91 -30.76 10.00 4.97
N GLY B 92 -31.07 8.71 4.79
CA GLY B 92 -32.29 8.28 4.14
C GLY B 92 -32.40 8.55 2.65
N ALA B 93 -31.33 9.01 1.99
CA ALA B 93 -31.41 9.26 0.55
C ALA B 93 -31.73 7.97 -0.19
N SER B 94 -32.39 8.13 -1.32
CA SER B 94 -32.85 6.99 -2.10
C SER B 94 -31.72 6.46 -2.99
N MET B 95 -31.55 5.14 -3.05
CA MET B 95 -30.47 4.56 -3.83
C MET B 95 -30.94 3.35 -4.63
N ARG B 96 -30.27 3.12 -5.74
CA ARG B 96 -30.46 1.92 -6.56
C ARG B 96 -29.12 1.25 -6.82
N SER B 97 -29.01 -0.04 -6.49
CA SER B 97 -27.76 -0.74 -6.59
C SER B 97 -27.74 -1.63 -7.83
N LEU B 98 -26.59 -1.63 -8.49
CA LEU B 98 -26.28 -2.51 -9.60
C LEU B 98 -25.05 -3.31 -9.20
N ARG B 99 -25.03 -4.61 -9.50
CA ARG B 99 -23.91 -5.47 -9.13
C ARG B 99 -22.94 -5.63 -10.31
N VAL B 100 -21.77 -4.99 -10.23
CA VAL B 100 -20.71 -5.14 -11.22
C VAL B 100 -19.42 -5.70 -10.64
N LEU B 101 -19.38 -6.01 -9.34
CA LEU B 101 -18.25 -6.69 -8.72
C LEU B 101 -18.71 -7.99 -8.09
N ASN B 102 -17.94 -9.06 -8.28
CA ASN B 102 -18.29 -10.36 -7.70
C ASN B 102 -17.94 -10.37 -6.20
N CYS B 103 -18.08 -11.54 -5.57
CA CYS B 103 -17.80 -11.67 -4.13
C CYS B 103 -16.34 -11.38 -3.82
N GLN B 104 -15.44 -11.53 -4.79
CA GLN B 104 -14.02 -11.24 -4.61
C GLN B 104 -13.66 -9.83 -5.07
N GLY B 105 -14.64 -8.93 -5.14
CA GLY B 105 -14.41 -7.52 -5.47
C GLY B 105 -13.90 -7.27 -6.86
N LYS B 106 -14.11 -8.20 -7.79
CA LYS B 106 -13.58 -8.10 -9.15
CA LYS B 106 -13.58 -8.10 -9.15
C LYS B 106 -14.73 -7.95 -10.14
N GLY B 107 -14.53 -7.08 -11.13
CA GLY B 107 -15.47 -6.88 -12.21
C GLY B 107 -14.73 -6.72 -13.53
N THR B 108 -15.42 -6.34 -14.60
CA THR B 108 -14.79 -6.11 -15.90
C THR B 108 -15.17 -4.74 -16.42
N VAL B 109 -14.31 -4.18 -17.28
CA VAL B 109 -14.70 -2.96 -17.99
C VAL B 109 -16.01 -3.20 -18.74
N SER B 110 -16.12 -4.36 -19.40
CA SER B 110 -17.28 -4.61 -20.25
C SER B 110 -18.55 -4.68 -19.43
N GLY B 111 -18.51 -5.35 -18.26
CA GLY B 111 -19.67 -5.37 -17.38
C GLY B 111 -20.01 -4.00 -16.84
N THR B 112 -18.99 -3.20 -16.53
CA THR B 112 -19.23 -1.84 -16.06
C THR B 112 -19.89 -0.99 -17.14
N LEU B 113 -19.45 -1.12 -18.40
CA LEU B 113 -20.10 -0.41 -19.51
C LEU B 113 -21.59 -0.78 -19.60
N ILE B 114 -21.90 -2.08 -19.59
CA ILE B 114 -23.28 -2.52 -19.63
C ILE B 114 -24.07 -1.97 -18.44
N GLY B 115 -23.42 -1.81 -17.29
CA GLY B 115 -24.11 -1.16 -16.17
C GLY B 115 -24.36 0.31 -16.41
N LEU B 116 -23.41 1.00 -17.05
CA LEU B 116 -23.61 2.41 -17.33
C LEU B 116 -24.69 2.59 -18.39
N GLU B 117 -24.74 1.70 -19.38
CA GLU B 117 -25.81 1.75 -20.37
C GLU B 117 -27.19 1.54 -19.71
N PHE B 118 -27.27 0.61 -18.75
CA PHE B 118 -28.50 0.39 -17.99
C PHE B 118 -28.94 1.67 -17.28
N ILE B 119 -28.00 2.42 -16.70
CA ILE B 119 -28.37 3.67 -16.05
C ILE B 119 -28.89 4.66 -17.07
N ARG B 120 -28.26 4.73 -18.23
CA ARG B 120 -28.74 5.62 -19.28
C ARG B 120 -30.17 5.25 -19.68
N LYS B 121 -30.44 3.96 -19.91
CA LYS B 121 -31.79 3.53 -20.25
C LYS B 121 -32.79 3.96 -19.20
N SER B 122 -32.50 3.65 -17.94
CA SER B 122 -33.47 3.95 -16.89
C SER B 122 -33.63 5.45 -16.67
N GLN B 123 -32.65 6.26 -17.08
CA GLN B 123 -32.80 7.71 -16.98
C GLN B 123 -33.86 8.23 -17.95
N LEU B 124 -33.98 7.63 -19.13
CA LEU B 124 -34.95 8.04 -20.13
C LEU B 124 -36.37 7.58 -19.82
N VAL B 125 -36.58 6.84 -18.74
CA VAL B 125 -37.87 6.26 -18.41
C VAL B 125 -38.45 6.89 -17.16
N GLN B 126 -37.70 6.88 -16.06
CA GLN B 126 -38.14 7.57 -14.87
C GLN B 126 -38.25 9.07 -15.17
N PRO B 127 -39.08 9.80 -14.41
CA PRO B 127 -39.24 11.23 -14.67
C PRO B 127 -37.91 11.95 -14.52
N VAL B 128 -37.68 12.94 -15.40
CA VAL B 128 -36.40 13.65 -15.37
C VAL B 128 -36.17 14.23 -13.97
N GLY B 129 -34.91 14.18 -13.53
CA GLY B 129 -34.54 14.52 -12.18
C GLY B 129 -33.05 14.30 -11.99
N PRO B 130 -32.48 14.80 -10.90
CA PRO B 130 -31.03 14.69 -10.75
C PRO B 130 -30.65 13.27 -10.37
N LEU B 131 -29.59 12.76 -10.98
CA LEU B 131 -29.05 11.47 -10.56
C LEU B 131 -27.53 11.51 -10.37
N VAL B 132 -27.10 10.82 -9.34
CA VAL B 132 -25.72 10.66 -8.96
C VAL B 132 -25.36 9.20 -9.17
N VAL B 133 -24.21 8.94 -9.77
CA VAL B 133 -23.73 7.59 -9.99
C VAL B 133 -22.40 7.44 -9.25
N LEU B 134 -22.38 6.54 -8.27
CA LEU B 134 -21.20 6.27 -7.48
C LEU B 134 -20.50 5.03 -8.05
N LEU B 135 -19.21 5.20 -8.40
CA LEU B 135 -18.35 4.17 -9.02
C LEU B 135 -17.14 3.90 -8.13
N PRO B 136 -17.29 3.11 -7.11
CA PRO B 136 -16.19 2.95 -6.13
C PRO B 136 -15.23 1.84 -6.52
N LEU B 137 -14.66 1.94 -7.72
CA LEU B 137 -13.87 0.87 -8.30
C LEU B 137 -12.87 1.52 -9.23
N ALA B 138 -11.86 0.74 -9.63
CA ALA B 138 -10.86 1.26 -10.55
C ALA B 138 -10.25 0.10 -11.32
N GLY B 139 -9.89 0.38 -12.56
CA GLY B 139 -9.04 -0.53 -13.31
C GLY B 139 -8.00 0.32 -13.98
N GLY B 140 -7.30 -0.22 -14.98
CA GLY B 140 -6.32 0.58 -15.67
C GLY B 140 -6.99 1.56 -16.62
N TYR B 141 -6.24 2.57 -17.04
CA TYR B 141 -6.79 3.56 -17.96
C TYR B 141 -7.51 2.86 -19.10
N SER B 142 -8.77 3.22 -19.32
CA SER B 142 -9.59 2.60 -20.38
C SER B 142 -10.23 3.69 -21.23
N ARG B 143 -9.88 3.72 -22.50
CA ARG B 143 -10.47 4.72 -23.38
C ARG B 143 -12.00 4.54 -23.47
N VAL B 144 -12.49 3.29 -23.59
CA VAL B 144 -13.93 3.10 -23.74
C VAL B 144 -14.66 3.46 -22.45
N LEU B 145 -14.11 3.07 -21.30
CA LEU B 145 -14.79 3.39 -20.05
C LEU B 145 -14.84 4.90 -19.80
N ASN B 146 -13.75 5.61 -20.10
CA ASN B 146 -13.75 7.06 -19.94
C ASN B 146 -14.75 7.70 -20.89
N ALA B 147 -14.86 7.18 -22.12
CA ALA B 147 -15.80 7.71 -23.10
C ALA B 147 -17.25 7.48 -22.68
N ALA B 148 -17.57 6.30 -22.14
CA ALA B 148 -18.92 6.06 -21.65
C ALA B 148 -19.24 7.00 -20.49
N CYS B 149 -18.26 7.25 -19.62
CA CYS B 149 -18.48 8.16 -18.51
C CYS B 149 -18.69 9.59 -19.01
N GLN B 150 -17.92 10.02 -20.02
CA GLN B 150 -18.12 11.35 -20.57
C GLN B 150 -19.51 11.48 -21.20
N ARG B 151 -19.94 10.49 -21.97
CA ARG B 151 -21.24 10.59 -22.61
C ARG B 151 -22.37 10.66 -21.57
N LEU B 152 -22.27 9.89 -20.48
CA LEU B 152 -23.26 10.00 -19.41
C LEU B 152 -23.20 11.36 -18.73
N ALA B 153 -21.99 11.91 -18.55
CA ALA B 153 -21.86 13.22 -17.92
C ALA B 153 -22.52 14.31 -18.76
N ARG B 154 -22.38 14.23 -20.08
CA ARG B 154 -23.01 15.18 -20.98
C ARG B 154 -24.54 15.07 -20.98
N ALA B 155 -25.10 13.98 -20.48
CA ALA B 155 -26.55 13.87 -20.30
C ALA B 155 -27.00 14.33 -18.92
N GLY B 156 -26.14 15.05 -18.19
CA GLY B 156 -26.55 15.61 -16.91
C GLY B 156 -26.41 14.70 -15.72
N VAL B 157 -25.62 13.65 -15.80
CA VAL B 157 -25.39 12.75 -14.68
C VAL B 157 -24.14 13.20 -13.94
N VAL B 158 -24.21 13.21 -12.61
CA VAL B 158 -23.06 13.45 -11.75
C VAL B 158 -22.42 12.11 -11.45
N LEU B 159 -21.23 11.86 -11.99
CA LEU B 159 -20.49 10.64 -11.73
C LEU B 159 -19.40 10.91 -10.70
N VAL B 160 -19.33 10.06 -9.68
CA VAL B 160 -18.33 10.16 -8.63
C VAL B 160 -17.59 8.83 -8.55
N THR B 161 -16.26 8.90 -8.46
CA THR B 161 -15.43 7.69 -8.50
C THR B 161 -14.29 7.79 -7.51
N ALA B 162 -13.82 6.62 -7.07
CA ALA B 162 -12.61 6.54 -6.25
C ALA B 162 -11.37 6.89 -7.06
N ALA B 163 -10.43 7.60 -6.42
CA ALA B 163 -9.17 7.89 -7.08
C ALA B 163 -8.34 6.64 -7.28
N GLY B 164 -8.50 5.64 -6.42
CA GLY B 164 -7.61 4.49 -6.46
C GLY B 164 -6.71 4.44 -5.23
N ASN B 165 -6.30 3.22 -4.87
CA ASN B 165 -5.63 2.94 -3.61
C ASN B 165 -4.15 2.63 -3.78
N PHE B 166 -3.54 3.05 -4.87
CA PHE B 166 -2.23 2.49 -5.22
C PHE B 166 -1.08 3.48 -5.02
N ARG B 167 -1.31 4.57 -4.29
CA ARG B 167 -0.32 5.63 -4.09
C ARG B 167 0.38 5.95 -5.41
N ASP B 168 -0.43 6.27 -6.40
CA ASP B 168 0.03 6.40 -7.77
C ASP B 168 -0.72 7.57 -8.38
N ASP B 169 -0.33 7.90 -9.61
CA ASP B 169 -0.98 8.95 -10.37
C ASP B 169 -2.36 8.45 -10.87
N ALA B 170 -3.44 9.06 -10.38
CA ALA B 170 -4.80 8.67 -10.75
C ALA B 170 -5.07 8.70 -12.25
N CYS B 171 -4.23 9.38 -13.03
CA CYS B 171 -4.45 9.44 -14.47
C CYS B 171 -4.12 8.13 -15.18
N LEU B 172 -3.57 7.16 -14.46
CA LEU B 172 -3.28 5.86 -15.04
C LEU B 172 -4.41 4.86 -14.82
N TYR B 173 -5.50 5.30 -14.18
CA TYR B 173 -6.60 4.46 -13.76
C TYR B 173 -7.89 5.00 -14.37
N SER B 174 -8.88 4.12 -14.49
CA SER B 174 -10.21 4.50 -14.96
C SER B 174 -11.22 3.86 -14.04
N PRO B 175 -12.37 4.51 -13.80
CA PRO B 175 -12.71 5.83 -14.38
C PRO B 175 -12.09 7.07 -13.70
N ALA B 176 -11.16 6.89 -12.76
CA ALA B 176 -10.46 8.01 -12.13
C ALA B 176 -10.00 9.06 -13.14
N SER B 177 -9.44 8.64 -14.27
CA SER B 177 -8.87 9.59 -15.22
C SER B 177 -9.91 10.28 -16.12
N ALA B 178 -11.18 9.89 -16.09
CA ALA B 178 -12.18 10.57 -16.93
C ALA B 178 -12.36 12.01 -16.43
N PRO B 179 -12.20 13.02 -17.29
CA PRO B 179 -12.15 14.40 -16.73
C PRO B 179 -13.49 14.87 -16.17
N GLU B 180 -14.61 14.49 -16.78
CA GLU B 180 -15.89 14.96 -16.30
C GLU B 180 -16.42 14.16 -15.11
N VAL B 181 -15.72 13.11 -14.69
CA VAL B 181 -16.06 12.39 -13.46
C VAL B 181 -15.40 13.09 -12.28
N ILE B 182 -16.12 13.20 -11.17
CA ILE B 182 -15.53 13.73 -9.95
C ILE B 182 -14.73 12.63 -9.26
N THR B 183 -13.42 12.83 -9.15
CA THR B 183 -12.48 11.82 -8.69
C THR B 183 -12.02 12.18 -7.28
N VAL B 184 -12.21 11.26 -6.34
CA VAL B 184 -12.03 11.56 -4.92
C VAL B 184 -10.90 10.72 -4.35
N GLY B 185 -9.86 11.39 -3.81
CA GLY B 185 -8.86 10.75 -2.97
C GLY B 185 -9.30 10.70 -1.51
N ALA B 186 -8.54 9.96 -0.70
CA ALA B 186 -8.90 9.71 0.69
C ALA B 186 -7.90 10.35 1.65
N THR B 187 -8.41 11.00 2.70
CA THR B 187 -7.61 11.59 3.78
C THR B 187 -8.08 11.03 5.11
N ASN B 188 -7.24 11.15 6.14
CA ASN B 188 -7.56 10.59 7.44
C ASN B 188 -8.03 11.68 8.40
N ALA B 189 -8.22 11.31 9.67
CA ALA B 189 -8.70 12.25 10.68
C ALA B 189 -7.72 13.40 10.93
N GLN B 190 -6.46 13.25 10.57
CA GLN B 190 -5.52 14.36 10.62
C GLN B 190 -5.44 15.12 9.31
N ASP B 191 -6.38 14.88 8.39
CA ASP B 191 -6.43 15.52 7.07
C ASP B 191 -5.19 15.23 6.21
N GLN B 192 -4.48 14.14 6.48
CA GLN B 192 -3.36 13.71 5.65
C GLN B 192 -3.77 12.59 4.69
N PRO B 193 -3.07 12.41 3.59
CA PRO B 193 -3.44 11.31 2.67
C PRO B 193 -3.36 9.96 3.38
N VAL B 194 -4.37 9.12 3.14
CA VAL B 194 -4.47 7.82 3.77
C VAL B 194 -3.37 6.91 3.23
N THR B 195 -2.73 6.13 4.09
CA THR B 195 -1.91 5.01 3.67
C THR B 195 -2.71 3.73 3.86
N LEU B 196 -2.56 2.80 2.91
CA LEU B 196 -3.27 1.53 2.91
C LEU B 196 -2.24 0.44 2.66
N GLY B 197 -1.92 -0.35 3.68
CA GLY B 197 -0.74 -1.20 3.51
C GLY B 197 0.45 -0.30 3.24
N THR B 198 1.27 -0.65 2.27
CA THR B 198 2.39 0.21 1.89
C THR B 198 2.02 1.21 0.80
N LEU B 199 0.77 1.24 0.37
CA LEU B 199 0.29 2.16 -0.66
C LEU B 199 -0.65 3.16 0.01
N GLY B 200 -1.68 3.60 -0.72
CA GLY B 200 -2.58 4.59 -0.15
C GLY B 200 -3.24 5.36 -1.27
N THR B 201 -3.81 6.50 -0.91
CA THR B 201 -4.63 7.20 -1.89
C THR B 201 -3.79 7.60 -3.10
N ASN B 202 -4.38 7.49 -4.28
CA ASN B 202 -3.81 8.06 -5.49
C ASN B 202 -3.84 9.59 -5.40
N PHE B 203 -3.18 10.25 -6.35
CA PHE B 203 -2.98 11.69 -6.33
C PHE B 203 -2.86 12.18 -7.76
N GLY B 204 -2.49 13.44 -7.93
CA GLY B 204 -2.22 13.97 -9.27
C GLY B 204 -3.34 14.86 -9.79
N ARG B 205 -3.16 15.30 -11.03
CA ARG B 205 -4.06 16.28 -11.62
C ARG B 205 -5.44 15.72 -11.98
N CYS B 206 -5.65 14.40 -11.92
CA CYS B 206 -6.98 13.84 -12.21
C CYS B 206 -7.84 13.70 -10.96
N VAL B 207 -7.27 13.90 -9.78
CA VAL B 207 -8.03 13.93 -8.53
C VAL B 207 -8.64 15.32 -8.37
N ASP B 208 -9.94 15.37 -8.14
CA ASP B 208 -10.58 16.67 -7.98
C ASP B 208 -10.55 17.16 -6.55
N LEU B 209 -10.64 16.25 -5.58
CA LEU B 209 -10.58 16.64 -4.18
C LEU B 209 -10.41 15.36 -3.38
N PHE B 210 -10.20 15.53 -2.08
CA PHE B 210 -10.05 14.44 -1.12
C PHE B 210 -11.22 14.46 -0.14
N ALA B 211 -11.43 13.33 0.54
CA ALA B 211 -12.52 13.23 1.49
C ALA B 211 -12.18 12.13 2.48
N PRO B 212 -12.85 12.08 3.63
CA PRO B 212 -12.53 11.07 4.64
C PRO B 212 -12.58 9.66 4.07
N GLY B 213 -11.49 8.92 4.26
CA GLY B 213 -11.44 7.55 3.77
C GLY B 213 -10.65 6.58 4.65
N GLU B 214 -10.46 6.92 5.92
CA GLU B 214 -9.86 6.00 6.87
C GLU B 214 -10.76 5.87 8.08
N ASP B 215 -10.95 4.64 8.55
CA ASP B 215 -11.67 4.40 9.79
C ASP B 215 -13.09 4.98 9.69
N ILE B 216 -13.81 4.59 8.62
CA ILE B 216 -15.13 5.11 8.29
C ILE B 216 -16.15 4.10 8.78
N ILE B 217 -16.94 4.46 9.79
CA ILE B 217 -17.93 3.54 10.35
C ILE B 217 -19.12 3.47 9.40
N GLY B 218 -19.68 2.27 9.25
CA GLY B 218 -20.81 2.12 8.36
C GLY B 218 -21.43 0.75 8.49
N ALA B 219 -22.54 0.56 7.75
CA ALA B 219 -23.30 -0.69 7.82
C ALA B 219 -22.43 -1.90 7.52
N SER B 220 -22.54 -2.91 8.37
CA SER B 220 -21.89 -4.20 8.18
C SER B 220 -22.93 -5.26 7.88
N SER B 221 -22.69 -6.04 6.82
CA SER B 221 -23.65 -7.07 6.45
C SER B 221 -23.66 -8.27 7.38
N ASP B 222 -22.84 -8.29 8.43
CA ASP B 222 -22.89 -9.36 9.43
C ASP B 222 -24.30 -9.57 9.96
N CYS B 223 -24.99 -8.47 10.25
CA CYS B 223 -26.31 -8.53 10.84
C CYS B 223 -26.97 -7.18 10.63
N SER B 224 -28.30 -7.17 10.69
CA SER B 224 -29.05 -6.01 10.22
C SER B 224 -28.80 -4.75 11.04
N THR B 225 -28.20 -4.86 12.23
CA THR B 225 -27.96 -3.69 13.06
C THR B 225 -26.47 -3.49 13.36
N CYS B 226 -25.59 -4.20 12.65
CA CYS B 226 -24.18 -4.22 12.96
C CYS B 226 -23.43 -3.12 12.18
N PHE B 227 -22.32 -2.66 12.73
CA PHE B 227 -21.52 -1.61 12.09
C PHE B 227 -20.05 -2.02 12.04
N VAL B 228 -19.31 -1.43 11.11
CA VAL B 228 -17.91 -1.77 10.94
C VAL B 228 -17.18 -0.61 10.29
N SER B 229 -15.90 -0.45 10.63
CA SER B 229 -15.05 0.58 10.04
C SER B 229 -14.27 0.02 8.86
N GLN B 230 -14.14 0.83 7.81
CA GLN B 230 -13.41 0.44 6.61
C GLN B 230 -12.62 1.64 6.13
N SER B 231 -11.58 1.38 5.31
CA SER B 231 -10.68 2.40 4.75
C SER B 231 -10.49 2.19 3.26
N GLY B 232 -10.42 3.29 2.52
CA GLY B 232 -10.08 3.25 1.11
C GLY B 232 -10.70 4.43 0.39
N THR B 233 -10.26 4.63 -0.86
CA THR B 233 -10.86 5.73 -1.61
C THR B 233 -12.31 5.44 -2.02
N SER B 234 -12.76 4.18 -1.95
CA SER B 234 -14.19 3.91 -2.10
C SER B 234 -15.00 4.69 -1.08
N GLN B 235 -14.56 4.67 0.18
CA GLN B 235 -15.29 5.35 1.26
C GLN B 235 -15.28 6.85 1.05
N ALA B 236 -14.18 7.38 0.53
CA ALA B 236 -14.10 8.81 0.30
C ALA B 236 -15.04 9.22 -0.82
N ALA B 237 -15.04 8.46 -1.93
CA ALA B 237 -15.97 8.76 -3.01
C ALA B 237 -17.41 8.71 -2.52
N ALA B 238 -17.74 7.75 -1.64
CA ALA B 238 -19.09 7.67 -1.10
C ALA B 238 -19.45 8.93 -0.32
N HIS B 239 -18.47 9.57 0.32
CA HIS B 239 -18.75 10.83 1.00
C HIS B 239 -19.15 11.91 0.02
N VAL B 240 -18.41 12.04 -1.08
CA VAL B 240 -18.73 13.07 -2.04
C VAL B 240 -20.04 12.76 -2.76
N ALA B 241 -20.40 11.48 -2.91
CA ALA B 241 -21.70 11.17 -3.52
C ALA B 241 -22.83 11.57 -2.59
N GLY B 242 -22.65 11.38 -1.28
CA GLY B 242 -23.58 11.91 -0.30
C GLY B 242 -23.70 13.43 -0.37
N ILE B 243 -22.56 14.12 -0.45
CA ILE B 243 -22.59 15.58 -0.51
C ILE B 243 -23.32 16.03 -1.76
N ALA B 244 -23.01 15.41 -2.91
CA ALA B 244 -23.73 15.74 -4.14
C ALA B 244 -25.22 15.52 -3.98
N ALA B 245 -25.62 14.43 -3.31
CA ALA B 245 -27.04 14.13 -3.21
C ALA B 245 -27.75 15.17 -2.36
N MET B 246 -27.10 15.68 -1.31
CA MET B 246 -27.72 16.73 -0.51
C MET B 246 -27.77 18.04 -1.26
N MET B 247 -26.74 18.34 -2.05
CA MET B 247 -26.78 19.57 -2.84
C MET B 247 -27.89 19.51 -3.87
N LEU B 248 -28.03 18.38 -4.54
CA LEU B 248 -29.02 18.29 -5.61
C LEU B 248 -30.43 18.15 -5.05
N SER B 249 -30.53 17.63 -3.83
CA SER B 249 -31.83 17.57 -3.16
C SER B 249 -32.36 18.96 -2.87
N ALA B 250 -31.47 19.91 -2.57
CA ALA B 250 -31.89 21.27 -2.29
C ALA B 250 -31.96 22.13 -3.53
N GLU B 251 -31.18 21.82 -4.56
CA GLU B 251 -31.18 22.56 -5.82
C GLU B 251 -31.23 21.58 -6.98
N PRO B 252 -32.43 21.07 -7.31
CA PRO B 252 -32.53 20.00 -8.32
C PRO B 252 -32.01 20.37 -9.69
N GLU B 253 -31.86 21.64 -10.04
CA GLU B 253 -31.33 21.93 -11.36
C GLU B 253 -29.93 22.49 -11.28
N LEU B 254 -29.19 22.18 -10.22
CA LEU B 254 -27.75 22.37 -10.30
C LEU B 254 -27.23 21.52 -11.45
N THR B 255 -26.41 22.12 -12.30
CA THR B 255 -25.72 21.32 -13.30
C THR B 255 -24.43 20.73 -12.71
N LEU B 256 -23.91 19.71 -13.38
CA LEU B 256 -22.66 19.08 -12.97
C LEU B 256 -21.54 20.12 -12.86
N ALA B 257 -21.39 20.97 -13.88
CA ALA B 257 -20.35 22.00 -13.85
C ALA B 257 -20.51 22.90 -12.63
N GLU B 258 -21.73 23.37 -12.36
CA GLU B 258 -21.96 24.18 -11.17
C GLU B 258 -21.68 23.38 -9.91
N LEU B 259 -22.10 22.11 -9.89
CA LEU B 259 -21.85 21.29 -8.71
C LEU B 259 -20.34 21.11 -8.46
N ARG B 260 -19.56 20.91 -9.54
CA ARG B 260 -18.13 20.69 -9.36
C ARG B 260 -17.43 21.94 -8.85
N GLN B 261 -17.83 23.11 -9.37
CA GLN B 261 -17.25 24.37 -8.93
C GLN B 261 -17.60 24.65 -7.48
N ARG B 262 -18.81 24.30 -7.06
CA ARG B 262 -19.18 24.51 -5.66
C ARG B 262 -18.46 23.54 -4.73
N LEU B 263 -18.31 22.28 -5.15
CA LEU B 263 -17.52 21.33 -4.36
C LEU B 263 -16.11 21.86 -4.14
N ILE B 264 -15.48 22.34 -5.22
CA ILE B 264 -14.13 22.89 -5.09
C ILE B 264 -14.14 24.11 -4.19
N HIS B 265 -15.13 24.98 -4.37
CA HIS B 265 -15.12 26.28 -3.71
C HIS B 265 -15.28 26.16 -2.21
N PHE B 266 -16.13 25.23 -1.75
CA PHE B 266 -16.44 25.13 -0.33
C PHE B 266 -15.64 24.05 0.40
N SER B 267 -14.61 23.51 -0.23
CA SER B 267 -13.74 22.54 0.45
C SER B 267 -12.76 23.26 1.38
N ALA B 268 -12.32 22.55 2.41
CA ALA B 268 -11.22 23.05 3.23
C ALA B 268 -9.94 23.07 2.40
N LYS B 269 -9.23 24.20 2.41
CA LYS B 269 -8.03 24.40 1.63
C LYS B 269 -6.79 24.23 2.48
N ASP B 270 -5.74 23.70 1.85
CA ASP B 270 -4.38 23.64 2.41
C ASP B 270 -4.32 22.95 3.77
N VAL B 271 -5.17 21.98 4.03
CA VAL B 271 -5.01 21.23 5.28
C VAL B 271 -4.15 19.99 5.12
N ILE B 272 -3.78 19.63 3.89
CA ILE B 272 -2.98 18.44 3.62
C ILE B 272 -1.50 18.84 3.55
N ASN B 273 -0.65 18.09 4.23
CA ASN B 273 0.80 18.29 4.06
C ASN B 273 1.22 17.57 2.78
N GLU B 274 1.50 18.34 1.73
CA GLU B 274 1.78 17.78 0.41
C GLU B 274 3.13 17.09 0.31
N ALA B 275 3.93 17.08 1.38
CA ALA B 275 5.19 16.32 1.36
C ALA B 275 4.93 14.83 1.16
N TRP B 276 3.75 14.35 1.57
CA TRP B 276 3.36 12.96 1.30
C TRP B 276 3.42 12.64 -0.19
N PHE B 277 3.07 13.60 -1.05
CA PHE B 277 3.04 13.32 -2.47
C PHE B 277 4.45 13.40 -3.06
N PRO B 278 4.70 12.67 -4.16
CA PRO B 278 5.96 12.88 -4.88
C PRO B 278 6.08 14.34 -5.27
N GLU B 279 7.32 14.81 -5.30
CA GLU B 279 7.60 16.23 -5.51
C GLU B 279 6.92 16.76 -6.77
N ASP B 280 7.05 16.04 -7.88
CA ASP B 280 6.56 16.53 -9.15
C ASP B 280 5.03 16.41 -9.28
N GLN B 281 4.35 15.88 -8.27
CA GLN B 281 2.89 15.85 -8.23
C GLN B 281 2.31 16.87 -7.27
N ARG B 282 3.16 17.57 -6.51
CA ARG B 282 2.63 18.47 -5.49
C ARG B 282 1.88 19.65 -6.11
N VAL B 283 2.37 20.14 -7.25
CA VAL B 283 1.67 21.26 -7.89
C VAL B 283 0.42 20.78 -8.63
N LEU B 284 0.35 19.51 -9.01
CA LEU B 284 -0.77 19.00 -9.78
C LEU B 284 -1.93 18.55 -8.92
N THR B 285 -1.71 18.32 -7.62
CA THR B 285 -2.70 17.67 -6.79
C THR B 285 -3.45 18.71 -5.98
N PRO B 286 -4.77 18.83 -6.14
CA PRO B 286 -5.49 19.86 -5.37
C PRO B 286 -5.40 19.57 -3.88
N ASN B 287 -5.12 20.62 -3.12
CA ASN B 287 -5.08 20.54 -1.67
C ASN B 287 -6.46 20.92 -1.12
N LEU B 288 -7.40 19.99 -1.30
CA LEU B 288 -8.79 20.23 -0.92
C LEU B 288 -9.35 19.02 -0.19
N VAL B 289 -10.04 19.28 0.92
CA VAL B 289 -10.82 18.25 1.62
C VAL B 289 -12.29 18.64 1.60
N ALA B 290 -13.13 17.71 1.16
CA ALA B 290 -14.52 18.02 0.83
C ALA B 290 -15.28 18.46 2.08
N ALA B 291 -16.28 19.31 1.85
CA ALA B 291 -17.17 19.76 2.91
C ALA B 291 -18.50 20.13 2.28
N LEU B 292 -19.57 19.92 3.04
CA LEU B 292 -20.91 20.36 2.65
C LEU B 292 -20.94 21.87 2.42
N PRO B 293 -21.34 22.34 1.25
CA PRO B 293 -21.52 23.78 1.06
C PRO B 293 -22.85 24.22 1.65
N PRO B 294 -22.89 25.35 2.37
CA PRO B 294 -24.19 25.89 2.80
C PRO B 294 -25.19 26.04 1.66
N SER B 295 -24.72 26.43 0.47
CA SER B 295 -25.43 26.33 -0.80
C SER B 295 -26.87 26.85 -0.71
N THR B 296 -27.80 26.21 -1.42
CA THR B 296 -29.18 26.68 -1.61
C THR B 296 -29.23 28.07 -2.25
N HIS B 297 -28.07 28.60 -2.68
CA HIS B 297 -27.91 29.89 -3.37
C HIS B 297 -28.87 30.98 -2.91
N GLN B 302 -22.08 34.49 -7.35
CA GLN B 302 -20.61 34.56 -7.33
C GLN B 302 -20.00 34.04 -8.62
N LEU B 303 -18.76 34.44 -8.90
CA LEU B 303 -18.03 33.96 -10.06
C LEU B 303 -17.07 32.87 -9.59
N PHE B 304 -17.32 31.63 -10.01
CA PHE B 304 -16.50 30.48 -9.62
C PHE B 304 -15.49 30.18 -10.73
N CYS B 305 -14.24 29.98 -10.34
CA CYS B 305 -13.21 29.54 -11.27
C CYS B 305 -12.43 28.39 -10.67
N ARG B 306 -11.86 27.56 -11.54
CA ARG B 306 -11.02 26.44 -11.13
C ARG B 306 -9.82 26.37 -12.06
N THR B 307 -8.75 25.78 -11.55
CA THR B 307 -7.55 25.56 -12.33
C THR B 307 -7.54 24.14 -12.90
N VAL B 308 -7.16 24.01 -14.17
CA VAL B 308 -7.13 22.73 -14.88
C VAL B 308 -5.73 22.55 -15.46
N TRP B 309 -4.97 21.60 -14.93
CA TRP B 309 -3.66 21.30 -15.49
C TRP B 309 -3.76 20.27 -16.61
N SER B 310 -3.03 20.50 -17.68
CA SER B 310 -2.93 19.52 -18.74
C SER B 310 -1.95 18.41 -18.35
N ALA B 311 -1.93 17.37 -19.18
CA ALA B 311 -0.84 16.41 -19.13
C ALA B 311 0.46 17.08 -19.58
N HIS B 312 1.58 16.55 -19.07
CA HIS B 312 2.91 16.92 -19.55
C HIS B 312 2.99 16.74 -21.07
N SER B 313 3.70 17.65 -21.74
CA SER B 313 3.75 17.64 -23.20
C SER B 313 4.69 16.58 -23.76
N GLY B 314 5.66 16.13 -23.00
CA GLY B 314 6.63 15.17 -23.49
C GLY B 314 7.86 15.85 -24.06
N PRO B 315 8.98 15.12 -24.10
CA PRO B 315 10.26 15.75 -24.47
C PRO B 315 10.44 16.02 -25.96
N THR B 316 9.45 15.76 -26.80
CA THR B 316 9.54 16.27 -28.16
C THR B 316 9.47 17.79 -28.11
N ARG B 317 10.29 18.46 -28.93
CA ARG B 317 10.44 19.89 -28.75
C ARG B 317 9.75 20.71 -29.85
N MET B 318 8.78 20.12 -30.53
CA MET B 318 7.65 20.89 -31.05
C MET B 318 6.34 20.31 -30.51
N ALA B 319 6.42 19.62 -29.38
CA ALA B 319 5.25 19.05 -28.73
C ALA B 319 4.51 20.11 -27.95
N THR B 320 3.19 19.98 -27.93
CA THR B 320 2.30 20.91 -27.25
C THR B 320 1.52 20.18 -26.17
N ALA B 321 1.22 20.90 -25.09
CA ALA B 321 0.24 20.47 -24.11
C ALA B 321 -1.02 21.29 -24.29
N ILE B 322 -2.16 20.68 -23.98
CA ILE B 322 -3.45 21.34 -24.14
C ILE B 322 -4.29 21.08 -22.90
N ALA B 323 -4.82 22.15 -22.32
CA ALA B 323 -5.73 22.11 -21.18
C ALA B 323 -7.09 22.63 -21.64
N ARG B 324 -8.16 21.95 -21.22
CA ARG B 324 -9.50 22.25 -21.70
C ARG B 324 -10.45 22.47 -20.54
N CYS B 325 -11.52 23.21 -20.78
CA CYS B 325 -12.57 23.42 -19.81
C CYS B 325 -13.75 22.50 -20.10
N ALA B 326 -14.61 22.32 -19.09
CA ALA B 326 -15.89 21.67 -19.30
C ALA B 326 -16.73 22.42 -20.34
N PRO B 327 -17.70 21.74 -20.96
CA PRO B 327 -18.57 22.40 -21.95
C PRO B 327 -19.30 23.65 -21.46
N ASP B 328 -19.84 23.62 -20.24
CA ASP B 328 -20.58 24.75 -19.68
C ASP B 328 -19.70 25.92 -19.21
N GLU B 329 -18.37 25.79 -19.27
CA GLU B 329 -17.45 26.76 -18.68
C GLU B 329 -16.80 27.61 -19.76
N GLU B 330 -16.33 28.80 -19.36
CA GLU B 330 -15.52 29.64 -20.21
C GLU B 330 -14.06 29.55 -19.81
N LEU B 331 -13.18 29.54 -20.80
CA LEU B 331 -11.75 29.64 -20.57
C LEU B 331 -11.37 31.11 -20.48
N LEU B 332 -11.10 31.59 -19.26
CA LEU B 332 -10.82 33.01 -19.04
C LEU B 332 -9.33 33.34 -19.11
N SER B 333 -8.43 32.36 -18.96
CA SER B 333 -7.01 32.63 -19.09
C SER B 333 -6.26 31.33 -19.28
N CYS B 334 -4.98 31.46 -19.61
CA CYS B 334 -4.16 30.34 -20.05
C CYS B 334 -2.71 30.65 -19.74
N SER B 335 -2.06 29.79 -18.94
CA SER B 335 -0.64 29.97 -18.68
C SER B 335 0.12 28.67 -18.86
N SER B 336 1.40 28.64 -18.48
CA SER B 336 2.20 27.46 -18.73
C SER B 336 3.33 27.37 -17.71
N PHE B 337 3.89 26.17 -17.58
CA PHE B 337 4.89 25.90 -16.56
C PHE B 337 5.82 24.77 -17.03
N SER B 338 7.10 24.97 -16.81
CA SER B 338 8.14 23.99 -17.11
C SER B 338 9.11 23.98 -15.94
N ARG B 339 9.44 22.78 -15.45
CA ARG B 339 10.22 22.70 -14.21
C ARG B 339 11.61 23.29 -14.38
N SER B 340 12.13 23.42 -15.60
CA SER B 340 13.40 24.10 -15.83
C SER B 340 13.27 25.32 -16.74
N GLY B 341 12.06 25.80 -17.02
CA GLY B 341 11.87 27.06 -17.69
C GLY B 341 12.19 27.10 -19.17
N LYS B 342 12.48 25.97 -19.81
CA LYS B 342 12.71 25.96 -21.25
C LYS B 342 11.36 25.75 -21.95
N ARG B 343 10.66 26.87 -22.13
CA ARG B 343 9.34 26.85 -22.75
C ARG B 343 9.25 27.97 -23.78
N ARG B 344 8.25 27.89 -24.64
CA ARG B 344 7.98 28.95 -25.60
C ARG B 344 6.61 29.59 -25.36
N GLY B 345 6.13 29.55 -24.12
CA GLY B 345 4.89 30.21 -23.76
C GLY B 345 3.65 29.40 -24.09
N GLU B 346 2.52 30.11 -24.18
CA GLU B 346 1.21 29.48 -24.32
C GLU B 346 0.34 30.35 -25.21
N ARG B 347 -0.78 29.78 -25.62
CA ARG B 347 -1.65 30.41 -26.59
C ARG B 347 -3.08 29.94 -26.37
N MET B 348 -4.03 30.86 -26.41
CA MET B 348 -5.44 30.52 -26.40
C MET B 348 -5.93 30.41 -27.84
N GLU B 349 -6.55 29.28 -28.19
CA GLU B 349 -6.92 29.04 -29.57
C GLU B 349 -8.23 28.29 -29.64
N ALA B 350 -8.95 28.48 -30.75
CA ALA B 350 -10.23 27.82 -30.95
C ALA B 350 -10.04 26.40 -31.44
N GLN B 351 -10.94 25.51 -31.00
CA GLN B 351 -10.96 24.11 -31.42
C GLN B 351 -12.40 23.67 -31.36
N GLY B 352 -13.02 23.48 -32.52
CA GLY B 352 -14.43 23.14 -32.54
C GLY B 352 -15.26 24.18 -31.81
N GLY B 353 -15.04 25.45 -32.14
CA GLY B 353 -15.86 26.52 -31.60
C GLY B 353 -15.79 26.70 -30.10
N LYS B 354 -14.80 26.06 -29.47
CA LYS B 354 -14.55 26.19 -28.06
C LYS B 354 -13.07 26.52 -27.88
N LEU B 355 -12.76 27.27 -26.83
CA LEU B 355 -11.45 27.90 -26.71
C LEU B 355 -10.58 27.12 -25.73
N VAL B 356 -9.42 26.64 -26.20
CA VAL B 356 -8.53 25.79 -25.41
C VAL B 356 -7.22 26.53 -25.13
N CYS B 357 -6.47 25.99 -24.18
CA CYS B 357 -5.19 26.56 -23.74
C CYS B 357 -4.06 25.63 -24.17
N ARG B 358 -3.22 26.10 -25.09
CA ARG B 358 -2.14 25.28 -25.65
C ARG B 358 -0.78 25.89 -25.29
N ALA B 359 0.07 25.10 -24.66
CA ALA B 359 1.44 25.50 -24.34
C ALA B 359 2.42 24.86 -25.30
N HIS B 360 3.55 25.52 -25.52
CA HIS B 360 4.52 25.12 -26.52
C HIS B 360 5.86 24.81 -25.85
N ASN B 361 6.54 23.79 -26.35
CA ASN B 361 7.83 23.38 -25.82
C ASN B 361 8.95 24.17 -26.48
N ALA B 362 10.07 24.29 -25.75
CA ALA B 362 11.27 24.91 -26.30
C ALA B 362 11.89 24.10 -27.43
N PHE B 363 13.22 23.96 -27.48
CA PHE B 363 13.87 23.00 -28.39
C PHE B 363 15.11 22.42 -27.72
N GLY B 364 14.90 21.77 -26.58
CA GLY B 364 15.91 21.00 -25.86
C GLY B 364 15.56 20.62 -24.42
N GLY B 365 15.22 19.35 -24.17
CA GLY B 365 14.92 18.95 -22.81
C GLY B 365 13.54 18.38 -22.48
N GLU B 366 12.85 19.03 -21.53
CA GLU B 366 11.77 18.45 -20.71
C GLU B 366 10.40 18.29 -21.37
N GLY B 367 9.67 19.39 -21.45
CA GLY B 367 8.24 19.37 -21.69
C GLY B 367 7.56 20.46 -20.87
N VAL B 368 6.30 20.72 -21.23
CA VAL B 368 5.57 21.83 -20.64
C VAL B 368 4.19 21.38 -20.19
N TYR B 369 3.64 22.09 -19.22
CA TYR B 369 2.22 22.01 -18.90
C TYR B 369 1.49 23.25 -19.40
N ALA B 370 0.31 23.02 -19.97
CA ALA B 370 -0.66 24.08 -20.18
C ALA B 370 -1.60 24.12 -18.98
N ILE B 371 -1.94 25.33 -18.53
CA ILE B 371 -2.75 25.51 -17.32
C ILE B 371 -3.89 26.45 -17.65
N ALA B 372 -5.11 25.94 -17.61
CA ALA B 372 -6.30 26.67 -17.96
C ALA B 372 -6.97 27.20 -16.71
N ARG B 373 -7.60 28.36 -16.82
CA ARG B 373 -8.48 28.86 -15.78
C ARG B 373 -9.91 28.82 -16.33
N CYS B 374 -10.76 28.00 -15.69
CA CYS B 374 -12.08 27.68 -16.22
C CYS B 374 -13.15 28.19 -15.27
N CYS B 375 -14.08 28.99 -15.79
CA CYS B 375 -14.99 29.75 -14.95
C CYS B 375 -16.43 29.60 -15.41
N LEU B 376 -17.36 29.68 -14.45
CA LEU B 376 -18.80 29.68 -14.71
C LEU B 376 -19.26 31.13 -14.77
N LEU B 377 -19.51 31.62 -15.99
CA LEU B 377 -19.81 33.02 -16.26
C LEU B 377 -21.07 33.03 -17.12
N PRO B 378 -22.24 33.17 -16.49
CA PRO B 378 -23.50 33.07 -17.24
C PRO B 378 -23.66 34.21 -18.26
N GLN B 379 -24.16 33.83 -19.45
CA GLN B 379 -24.47 34.78 -20.53
C GLN B 379 -23.24 35.54 -20.99
N ALA B 380 -22.11 34.86 -21.03
CA ALA B 380 -20.88 35.49 -21.44
C ALA B 380 -20.64 35.22 -22.91
N ALA B 381 -20.00 36.17 -23.56
CA ALA B 381 -19.47 36.02 -24.91
C ALA B 381 -17.99 36.38 -24.84
N CYS B 382 -17.15 35.37 -24.91
CA CYS B 382 -15.71 35.54 -24.80
C CYS B 382 -15.04 35.31 -26.15
N SER B 383 -13.84 35.86 -26.28
CA SER B 383 -13.09 35.80 -27.52
C SER B 383 -11.65 36.13 -27.19
N VAL B 384 -10.76 35.73 -28.09
CA VAL B 384 -9.34 35.98 -27.93
C VAL B 384 -8.89 36.93 -29.05
N HIS B 385 -7.98 37.83 -28.72
CA HIS B 385 -7.47 38.83 -29.65
C HIS B 385 -5.95 38.84 -29.59
N THR B 386 -5.30 38.77 -30.75
CA THR B 386 -3.86 38.53 -30.84
C THR B 386 -3.16 39.65 -31.61
N ALA B 387 -1.90 39.91 -31.21
CA ALA B 387 -1.03 40.85 -31.90
C ALA B 387 0.28 40.15 -32.24
N PRO B 388 0.77 40.26 -33.48
CA PRO B 388 2.07 39.66 -33.83
C PRO B 388 3.21 40.38 -33.14
N PRO B 389 4.41 39.79 -33.10
CA PRO B 389 5.54 40.46 -32.46
C PRO B 389 5.81 41.82 -33.09
N ALA B 390 6.17 42.78 -32.24
CA ALA B 390 6.23 44.18 -32.64
C ALA B 390 7.63 44.66 -33.00
N GLU B 391 8.65 44.18 -32.30
CA GLU B 391 10.02 44.71 -32.40
C GLU B 391 10.01 46.23 -32.18
N ALA B 392 9.66 46.58 -30.95
CA ALA B 392 9.61 47.97 -30.51
C ALA B 392 9.86 48.01 -29.02
N SER B 393 10.46 49.11 -28.56
CA SER B 393 10.86 49.20 -27.15
C SER B 393 9.67 49.13 -26.21
N MET B 394 8.49 49.61 -26.64
CA MET B 394 7.30 49.45 -25.82
C MET B 394 6.75 48.02 -25.85
N GLY B 395 7.15 47.23 -26.85
CA GLY B 395 6.78 45.84 -26.90
C GLY B 395 5.51 45.59 -27.71
N THR B 396 5.01 44.38 -27.55
CA THR B 396 3.78 43.96 -28.21
C THR B 396 2.59 44.20 -27.29
N ARG B 397 1.59 44.91 -27.80
CA ARG B 397 0.43 45.31 -27.03
C ARG B 397 -0.84 44.81 -27.71
N VAL B 398 -1.85 44.49 -26.90
CA VAL B 398 -3.18 44.16 -27.40
C VAL B 398 -4.18 44.47 -26.29
N HIS B 399 -5.40 44.84 -26.69
CA HIS B 399 -6.39 45.18 -25.68
C HIS B 399 -7.79 44.99 -26.26
N CYS B 400 -8.77 44.98 -25.37
CA CYS B 400 -10.15 44.68 -25.71
C CYS B 400 -10.82 45.95 -26.23
N HIS B 401 -10.89 46.07 -27.56
CA HIS B 401 -11.39 47.29 -28.18
C HIS B 401 -12.89 47.49 -27.95
N GLN B 402 -13.68 46.43 -28.11
CA GLN B 402 -15.13 46.57 -28.04
C GLN B 402 -15.59 46.99 -26.64
N GLN B 403 -16.67 47.78 -26.61
CA GLN B 403 -17.20 48.32 -25.35
C GLN B 403 -17.95 47.25 -24.58
N GLY B 404 -17.71 47.21 -23.27
CA GLY B 404 -18.28 46.18 -22.42
C GLY B 404 -17.56 44.84 -22.49
N HIS B 405 -16.45 44.75 -23.19
CA HIS B 405 -15.62 43.56 -23.23
C HIS B 405 -14.44 43.77 -22.29
N VAL B 406 -14.31 42.90 -21.28
CA VAL B 406 -13.34 43.06 -20.21
C VAL B 406 -12.19 42.09 -20.41
N LEU B 407 -10.99 42.53 -20.09
CA LEU B 407 -9.81 41.67 -20.21
C LEU B 407 -9.75 40.75 -19.00
N THR B 408 -9.81 39.43 -19.23
CA THR B 408 -9.77 38.47 -18.14
C THR B 408 -8.46 37.70 -18.04
N GLY B 409 -7.63 37.70 -19.08
CA GLY B 409 -6.39 36.96 -19.08
C GLY B 409 -5.49 37.29 -20.25
N CYS B 410 -4.18 37.14 -20.04
CA CYS B 410 -3.16 37.45 -21.05
C CYS B 410 -2.28 36.23 -21.27
N SER B 411 -2.01 35.90 -22.53
CA SER B 411 -1.12 34.81 -22.90
C SER B 411 -0.03 35.31 -23.83
N SER B 412 1.06 34.57 -23.89
CA SER B 412 2.19 34.98 -24.72
C SER B 412 3.00 33.76 -25.14
N HIS B 413 3.23 33.63 -26.45
CA HIS B 413 4.11 32.61 -26.99
C HIS B 413 5.06 33.23 -28.02
N TRP B 414 6.25 32.64 -28.15
CA TRP B 414 7.27 33.17 -29.06
C TRP B 414 7.92 32.00 -29.81
N GLU B 415 9.07 32.27 -30.45
CA GLU B 415 9.65 31.33 -31.41
C GLU B 415 11.01 30.77 -31.04
N VAL B 416 11.94 31.58 -30.52
CA VAL B 416 13.25 31.06 -30.12
C VAL B 416 13.80 31.94 -29.00
N GLU B 417 14.61 31.33 -28.14
CA GLU B 417 14.88 31.79 -26.78
C GLU B 417 15.96 32.87 -26.69
N ASP B 418 15.84 33.95 -27.46
CA ASP B 418 16.76 35.08 -27.38
C ASP B 418 15.97 36.32 -26.95
N LEU B 419 15.52 36.32 -25.70
CA LEU B 419 14.71 37.39 -25.14
C LEU B 419 15.47 37.97 -23.96
N GLY B 420 16.06 39.16 -24.13
CA GLY B 420 16.85 39.73 -23.05
C GLY B 420 17.34 41.15 -23.27
N THR B 421 16.77 42.10 -22.53
CA THR B 421 17.19 43.49 -22.59
C THR B 421 17.02 44.17 -21.22
N PRO B 433 -6.74 51.10 -19.20
CA PRO B 433 -6.84 49.74 -18.64
C PRO B 433 -7.21 48.70 -19.70
N ASN B 434 -7.27 47.43 -19.30
CA ASN B 434 -7.63 46.32 -20.19
C ASN B 434 -6.59 46.08 -21.29
N GLN B 435 -5.30 46.08 -20.95
CA GLN B 435 -4.27 45.86 -21.97
C GLN B 435 -3.30 44.76 -21.57
N CYS B 436 -2.86 43.99 -22.57
CA CYS B 436 -1.79 43.00 -22.41
C CYS B 436 -0.51 43.54 -23.03
N VAL B 437 0.61 43.41 -22.30
CA VAL B 437 1.92 43.77 -22.81
C VAL B 437 2.83 42.54 -22.71
N GLY B 438 3.57 42.28 -23.78
CA GLY B 438 4.49 41.17 -23.82
C GLY B 438 5.79 41.57 -24.50
N HIS B 439 6.74 40.64 -24.50
CA HIS B 439 8.04 40.83 -25.12
C HIS B 439 7.91 41.29 -26.57
N ARG B 440 8.95 41.96 -27.09
CA ARG B 440 8.89 42.51 -28.44
C ARG B 440 8.76 41.39 -29.48
N GLU B 441 9.41 40.25 -29.23
CA GLU B 441 9.45 39.17 -30.20
C GLU B 441 8.38 38.11 -29.97
N ALA B 442 7.43 38.37 -29.07
CA ALA B 442 6.38 37.42 -28.75
C ALA B 442 5.04 37.90 -29.31
N SER B 443 4.23 36.95 -29.77
CA SER B 443 2.81 37.23 -29.94
C SER B 443 2.14 37.34 -28.57
N ILE B 444 1.13 38.19 -28.48
CA ILE B 444 0.40 38.37 -27.23
C ILE B 444 -1.07 38.14 -27.49
N HIS B 445 -1.73 37.45 -26.54
CA HIS B 445 -3.12 37.04 -26.69
C HIS B 445 -3.92 37.52 -25.49
N ALA B 446 -5.04 38.17 -25.76
CA ALA B 446 -5.91 38.71 -24.73
C ALA B 446 -7.23 37.95 -24.74
N SER B 447 -7.66 37.51 -23.57
CA SER B 447 -8.99 36.96 -23.40
C SER B 447 -9.93 38.10 -23.01
N CYS B 448 -10.97 38.33 -23.82
CA CYS B 448 -11.94 39.40 -23.60
C CYS B 448 -13.32 38.79 -23.49
N CYS B 449 -14.09 39.24 -22.51
CA CYS B 449 -15.41 38.69 -22.24
C CYS B 449 -16.41 39.80 -22.02
N HIS B 450 -17.61 39.60 -22.56
CA HIS B 450 -18.76 40.46 -22.34
C HIS B 450 -19.73 39.68 -21.47
N ALA B 451 -20.07 40.23 -20.30
CA ALA B 451 -21.03 39.57 -19.45
C ALA B 451 -21.66 40.61 -18.54
N PRO B 452 -22.94 40.51 -18.23
CA PRO B 452 -23.63 41.57 -17.48
C PRO B 452 -23.00 41.79 -16.11
N GLY B 453 -22.49 43.00 -15.90
CA GLY B 453 -21.93 43.33 -14.62
C GLY B 453 -20.56 42.74 -14.35
N LEU B 454 -19.89 42.23 -15.37
CA LEU B 454 -18.53 41.74 -15.18
C LEU B 454 -17.60 42.92 -14.96
N GLU B 455 -16.85 42.91 -13.87
CA GLU B 455 -15.78 43.88 -13.72
C GLU B 455 -14.51 43.21 -13.22
N CYS B 456 -13.38 43.65 -13.75
CA CYS B 456 -12.07 43.05 -13.49
C CYS B 456 -11.06 44.15 -13.24
N LYS B 457 -10.05 43.83 -12.43
CA LYS B 457 -8.97 44.75 -12.13
C LYS B 457 -7.67 43.97 -12.02
N VAL B 458 -6.57 44.68 -12.18
CA VAL B 458 -5.24 44.07 -12.12
C VAL B 458 -4.63 44.34 -10.75
N LYS B 459 -3.93 43.34 -10.20
CA LYS B 459 -3.07 43.49 -9.04
C LYS B 459 -1.69 42.96 -9.38
N GLU B 460 -0.66 43.66 -8.90
CA GLU B 460 0.73 43.26 -9.11
C GLU B 460 1.43 43.14 -7.78
N HIS B 461 2.52 42.36 -7.78
CA HIS B 461 3.45 42.29 -6.67
C HIS B 461 4.80 41.87 -7.23
N GLY B 462 5.83 42.65 -6.92
CA GLY B 462 7.17 42.37 -7.40
C GLY B 462 8.11 42.14 -6.24
N ILE B 463 9.09 41.28 -6.46
CA ILE B 463 10.10 40.98 -5.45
C ILE B 463 11.48 41.09 -6.11
N PRO B 464 12.41 41.84 -5.52
CA PRO B 464 13.73 41.96 -6.16
C PRO B 464 14.53 40.67 -6.09
N ALA B 465 14.54 40.00 -4.94
CA ALA B 465 15.23 38.72 -4.78
C ALA B 465 14.23 37.58 -4.80
N PRO B 466 13.88 37.05 -5.98
CA PRO B 466 12.90 35.95 -6.02
C PRO B 466 13.48 34.65 -5.49
N GLN B 467 12.97 34.20 -4.34
CA GLN B 467 13.37 32.92 -3.75
C GLN B 467 12.50 31.76 -4.24
N GLY B 468 12.38 31.62 -5.56
CA GLY B 468 11.62 30.52 -6.11
C GLY B 468 10.22 30.91 -6.56
N GLN B 469 9.53 31.76 -5.81
CA GLN B 469 8.20 32.17 -6.23
C GLN B 469 7.84 33.53 -5.67
N VAL B 470 7.12 34.31 -6.49
CA VAL B 470 6.44 35.51 -6.04
C VAL B 470 4.94 35.33 -6.32
N THR B 471 4.12 35.70 -5.34
CA THR B 471 2.68 35.51 -5.42
C THR B 471 1.94 36.83 -5.18
N VAL B 472 0.67 36.84 -5.60
CA VAL B 472 -0.26 37.93 -5.28
C VAL B 472 -1.68 37.35 -5.32
N ALA B 473 -2.51 37.79 -4.39
CA ALA B 473 -3.85 37.22 -4.20
C ALA B 473 -4.92 38.27 -4.40
N CYS B 474 -6.09 37.82 -4.88
CA CYS B 474 -7.26 38.68 -4.98
C CYS B 474 -7.93 38.82 -3.62
N GLU B 475 -8.35 40.04 -3.31
CA GLU B 475 -9.07 40.30 -2.07
C GLU B 475 -10.34 39.47 -2.00
N GLU B 476 -10.86 39.31 -0.79
CA GLU B 476 -12.13 38.62 -0.62
C GLU B 476 -13.20 39.32 -1.44
N GLY B 477 -14.08 38.52 -2.06
CA GLY B 477 -15.09 39.03 -2.96
C GLY B 477 -14.70 39.02 -4.43
N TRP B 478 -13.42 38.90 -4.73
CA TRP B 478 -12.93 38.86 -6.09
C TRP B 478 -12.47 37.45 -6.43
N THR B 479 -12.48 37.11 -7.72
CA THR B 479 -12.05 35.80 -8.18
C THR B 479 -10.87 35.97 -9.12
N LEU B 480 -9.81 35.22 -8.85
CA LEU B 480 -8.67 35.22 -9.74
C LEU B 480 -9.06 34.57 -11.07
N THR B 481 -8.97 35.34 -12.16
CA THR B 481 -9.21 34.78 -13.48
C THR B 481 -7.95 34.65 -14.32
N GLY B 482 -6.91 35.44 -14.04
CA GLY B 482 -5.72 35.42 -14.87
C GLY B 482 -4.47 35.56 -14.03
N CYS B 483 -3.42 34.83 -14.39
CA CYS B 483 -2.20 34.85 -13.59
C CYS B 483 -1.01 34.82 -14.53
N SER B 484 -0.01 35.66 -14.25
CA SER B 484 0.93 36.04 -15.29
C SER B 484 2.19 36.58 -14.62
N ALA B 485 3.30 36.47 -15.34
CA ALA B 485 4.55 37.12 -14.94
C ALA B 485 4.80 38.32 -15.84
N LEU B 486 5.34 39.38 -15.25
CA LEU B 486 5.74 40.54 -16.06
C LEU B 486 6.90 40.14 -16.96
N PRO B 487 6.86 40.48 -18.25
CA PRO B 487 7.90 40.01 -19.17
C PRO B 487 9.24 40.71 -18.90
N GLY B 488 10.27 40.21 -19.59
CA GLY B 488 11.59 40.78 -19.47
C GLY B 488 12.44 40.20 -18.36
N THR B 489 12.15 38.98 -17.92
CA THR B 489 12.91 38.29 -16.89
C THR B 489 13.23 36.88 -17.36
N SER B 490 14.52 36.58 -17.50
CA SER B 490 14.92 35.25 -17.95
C SER B 490 14.74 34.18 -16.88
N HIS B 491 14.44 34.57 -15.63
CA HIS B 491 14.34 33.60 -14.55
C HIS B 491 12.88 33.31 -14.18
N VAL B 492 12.06 32.88 -15.14
CA VAL B 492 10.66 32.56 -14.91
C VAL B 492 10.38 31.15 -15.42
N LEU B 493 9.96 30.27 -14.52
CA LEU B 493 9.58 28.91 -14.91
C LEU B 493 8.16 28.85 -15.45
N GLY B 494 7.30 29.76 -15.02
CA GLY B 494 5.92 29.79 -15.45
C GLY B 494 5.05 30.35 -14.35
N ALA B 495 3.75 30.23 -14.55
CA ALA B 495 2.79 30.84 -13.64
C ALA B 495 1.51 30.02 -13.64
N TYR B 496 0.83 29.99 -12.50
CA TYR B 496 -0.42 29.26 -12.37
C TYR B 496 -1.19 29.80 -11.18
N ALA B 497 -2.50 29.66 -11.25
CA ALA B 497 -3.37 30.03 -10.15
C ALA B 497 -3.51 28.87 -9.19
N VAL B 498 -3.47 29.19 -7.89
CA VAL B 498 -3.82 28.27 -6.81
C VAL B 498 -4.96 28.94 -6.04
N ASP B 499 -6.18 28.48 -6.26
CA ASP B 499 -7.40 29.12 -5.73
C ASP B 499 -7.41 30.57 -6.20
N ASN B 500 -7.35 31.56 -5.30
CA ASN B 500 -7.33 32.97 -5.67
C ASN B 500 -5.94 33.58 -5.56
N THR B 501 -4.89 32.78 -5.57
CA THR B 501 -3.53 33.29 -5.51
C THR B 501 -2.81 33.02 -6.83
N CYS B 502 -2.25 34.06 -7.42
CA CYS B 502 -1.44 33.93 -8.62
C CYS B 502 0.00 33.60 -8.19
N VAL B 503 0.58 32.57 -8.80
CA VAL B 503 1.88 32.05 -8.38
C VAL B 503 2.81 32.09 -9.57
N VAL B 504 3.90 32.85 -9.45
CA VAL B 504 4.95 32.92 -10.46
C VAL B 504 6.17 32.18 -9.90
N ARG B 505 6.75 31.30 -10.71
CA ARG B 505 7.84 30.43 -10.27
C ARG B 505 9.12 30.84 -10.98
N SER B 506 10.15 31.14 -10.20
CA SER B 506 11.45 31.59 -10.67
C SER B 506 12.51 30.52 -10.39
N ARG B 507 13.61 30.58 -11.15
CA ARG B 507 14.72 29.66 -10.91
C ARG B 507 15.38 29.97 -9.57
N ALA B 519 14.67 40.36 -10.22
CA ALA B 519 13.41 41.03 -9.89
C ALA B 519 12.24 40.53 -10.75
N VAL B 520 11.23 39.92 -10.13
CA VAL B 520 10.14 39.26 -10.83
C VAL B 520 8.81 39.78 -10.28
N THR B 521 7.84 40.01 -11.18
CA THR B 521 6.54 40.54 -10.80
C THR B 521 5.40 39.60 -11.20
N ALA B 522 4.56 39.25 -10.22
CA ALA B 522 3.35 38.48 -10.45
C ALA B 522 2.18 39.41 -10.74
N VAL B 523 1.40 39.09 -11.78
CA VAL B 523 0.28 39.91 -12.25
C VAL B 523 -1.00 39.08 -12.19
N ALA B 524 -1.91 39.44 -11.28
CA ALA B 524 -3.22 38.82 -11.21
C ALA B 524 -4.29 39.71 -11.88
N ILE B 525 -5.20 39.07 -12.60
CA ILE B 525 -6.44 39.70 -13.03
C ILE B 525 -7.54 39.12 -12.16
N CYS B 526 -8.29 39.99 -11.48
CA CYS B 526 -9.33 39.61 -10.53
C CYS B 526 -10.67 40.15 -11.01
N CYS B 527 -11.71 39.32 -10.99
CA CYS B 527 -13.03 39.74 -11.46
C CYS B 527 -14.08 39.40 -10.43
N ARG B 528 -15.27 39.99 -10.64
CA ARG B 528 -16.46 39.71 -9.86
C ARG B 528 -17.66 40.11 -10.71
N SER B 529 -18.85 39.75 -10.23
CA SER B 529 -20.10 40.01 -10.93
C SER B 529 -20.95 40.94 -10.08
N ARG B 530 -21.21 42.14 -10.60
CA ARG B 530 -22.02 43.20 -9.95
C ARG B 530 -21.82 43.28 -8.43
N GLU C 1 -0.69 3.02 17.67
CA GLU C 1 0.05 1.76 17.80
C GLU C 1 -0.72 0.61 17.14
N VAL C 2 -0.34 0.31 15.89
CA VAL C 2 -0.81 -0.88 15.21
C VAL C 2 -0.24 -2.10 15.93
N GLN C 3 -1.08 -3.09 16.21
CA GLN C 3 -0.59 -4.21 17.01
C GLN C 3 -1.30 -5.50 16.66
N LEU C 4 -0.55 -6.60 16.66
CA LEU C 4 -1.06 -7.95 16.50
C LEU C 4 -0.49 -8.82 17.62
N VAL C 5 -1.35 -9.55 18.31
CA VAL C 5 -0.96 -10.38 19.45
C VAL C 5 -1.53 -11.78 19.26
N GLU C 6 -0.70 -12.74 18.92
CA GLU C 6 -1.20 -14.10 18.77
C GLU C 6 -1.16 -14.84 20.10
N SER C 7 -2.06 -15.81 20.25
CA SER C 7 -2.17 -16.57 21.49
C SER C 7 -2.66 -17.97 21.16
N GLY C 8 -2.58 -18.86 22.16
CA GLY C 8 -3.09 -20.20 22.07
C GLY C 8 -2.06 -21.28 21.84
N GLY C 9 -0.78 -20.94 21.75
CA GLY C 9 0.24 -21.96 21.56
C GLY C 9 0.32 -22.91 22.74
N GLY C 10 0.93 -24.07 22.50
CA GLY C 10 1.14 -25.00 23.59
C GLY C 10 1.84 -26.25 23.10
N LEU C 11 1.90 -27.23 23.99
CA LEU C 11 2.44 -28.55 23.70
C LEU C 11 1.27 -29.48 23.44
N VAL C 12 1.40 -30.34 22.44
CA VAL C 12 0.31 -31.20 22.01
C VAL C 12 0.93 -32.50 21.49
N LYS C 13 0.15 -33.64 21.60
CA LYS C 13 0.62 -34.91 21.04
C LYS C 13 0.26 -35.01 19.56
N PRO C 14 0.99 -35.80 18.78
CA PRO C 14 0.63 -35.99 17.38
C PRO C 14 -0.82 -36.43 17.24
N GLY C 15 -1.48 -35.97 16.17
CA GLY C 15 -2.89 -36.24 16.00
C GLY C 15 -3.78 -35.34 16.79
N GLY C 16 -3.25 -34.54 17.71
CA GLY C 16 -4.06 -33.64 18.49
C GLY C 16 -4.45 -32.38 17.71
N SER C 17 -5.04 -31.43 18.44
CA SER C 17 -5.62 -30.22 17.88
C SER C 17 -5.31 -29.02 18.76
N LEU C 18 -5.20 -27.85 18.13
CA LEU C 18 -4.97 -26.58 18.81
C LEU C 18 -5.68 -25.49 18.02
N ARG C 19 -6.10 -24.45 18.72
CA ARG C 19 -6.73 -23.30 18.10
C ARG C 19 -5.92 -22.05 18.43
N LEU C 20 -5.26 -21.48 17.42
CA LEU C 20 -4.57 -20.22 17.62
C LEU C 20 -5.53 -19.08 17.39
N SER C 21 -5.22 -17.97 18.03
CA SER C 21 -6.01 -16.77 17.84
C SER C 21 -5.04 -15.61 17.74
N CYS C 22 -5.50 -14.53 17.10
CA CYS C 22 -4.67 -13.35 16.87
C CYS C 22 -5.57 -12.14 17.04
N ALA C 23 -5.22 -11.27 17.99
CA ALA C 23 -6.00 -10.08 18.29
C ALA C 23 -5.36 -8.86 17.67
N ALA C 24 -6.13 -8.07 16.93
CA ALA C 24 -5.63 -6.87 16.29
C ALA C 24 -6.16 -5.63 16.98
N SER C 25 -5.34 -4.59 16.97
CA SER C 25 -5.75 -3.32 17.54
C SER C 25 -5.00 -2.21 16.86
N GLY C 26 -5.58 -1.02 16.89
CA GLY C 26 -4.91 0.16 16.39
C GLY C 26 -5.06 0.39 14.90
N PHE C 27 -5.89 -0.39 14.21
CA PHE C 27 -6.05 -0.18 12.78
C PHE C 27 -7.39 -0.76 12.31
N THR C 28 -7.74 -0.44 11.08
CA THR C 28 -9.01 -0.82 10.49
C THR C 28 -8.92 -2.27 10.00
N PHE C 29 -9.09 -3.19 10.96
CA PHE C 29 -8.93 -4.61 10.71
C PHE C 29 -9.77 -5.09 9.53
N SER C 30 -10.98 -4.56 9.38
CA SER C 30 -11.91 -5.09 8.38
C SER C 30 -11.53 -4.73 6.96
N SER C 31 -10.50 -3.90 6.75
CA SER C 31 -9.99 -3.64 5.41
C SER C 31 -8.68 -4.36 5.11
N TYR C 32 -8.20 -5.22 6.02
CA TYR C 32 -6.93 -5.90 5.83
C TYR C 32 -7.14 -7.40 5.68
N SER C 33 -6.44 -7.98 4.71
CA SER C 33 -6.25 -9.43 4.72
C SER C 33 -5.33 -9.82 5.87
N MET C 34 -5.38 -11.10 6.25
CA MET C 34 -4.62 -11.62 7.36
C MET C 34 -3.96 -12.93 6.95
N ASN C 35 -2.84 -13.27 7.60
CA ASN C 35 -2.01 -14.39 7.17
C ASN C 35 -1.39 -15.08 8.38
N TRP C 36 -1.15 -16.38 8.24
CA TRP C 36 -0.35 -17.13 9.18
C TRP C 36 0.94 -17.54 8.47
N VAL C 37 2.05 -17.31 9.14
CA VAL C 37 3.38 -17.71 8.71
C VAL C 37 4.03 -18.40 9.90
N ARG C 38 4.68 -19.54 9.65
CA ARG C 38 5.30 -20.29 10.73
C ARG C 38 6.79 -20.47 10.48
N GLN C 39 7.51 -20.81 11.54
CA GLN C 39 8.97 -20.90 11.47
C GLN C 39 9.42 -21.95 12.47
N ALA C 40 9.86 -23.09 11.96
CA ALA C 40 10.36 -24.13 12.82
C ALA C 40 11.72 -23.69 13.41
N PRO C 41 12.06 -24.13 14.62
CA PRO C 41 13.27 -23.61 15.29
C PRO C 41 14.53 -23.72 14.45
N GLY C 42 15.23 -22.60 14.29
CA GLY C 42 16.37 -22.55 13.39
C GLY C 42 16.08 -22.70 11.91
N LYS C 43 14.84 -22.50 11.46
CA LYS C 43 14.51 -22.69 10.04
C LYS C 43 13.95 -21.40 9.43
N GLY C 44 13.53 -21.50 8.15
CA GLY C 44 13.02 -20.37 7.43
C GLY C 44 11.53 -20.12 7.64
N LEU C 45 11.08 -18.93 7.25
CA LEU C 45 9.67 -18.61 7.23
C LEU C 45 8.92 -19.46 6.21
N GLU C 46 7.75 -19.96 6.61
CA GLU C 46 6.89 -20.75 5.74
C GLU C 46 5.47 -20.20 5.79
N TRP C 47 4.97 -19.71 4.65
CA TRP C 47 3.57 -19.28 4.58
C TRP C 47 2.65 -20.47 4.82
N VAL C 48 1.63 -20.25 5.66
CA VAL C 48 0.67 -21.28 6.07
C VAL C 48 -0.70 -21.07 5.41
N SER C 49 -1.24 -19.86 5.52
CA SER C 49 -2.61 -19.63 5.10
C SER C 49 -2.89 -18.13 5.06
N SER C 50 -3.85 -17.73 4.22
CA SER C 50 -4.26 -16.34 4.07
C SER C 50 -5.78 -16.24 4.01
N ILE C 51 -6.32 -15.14 4.53
CA ILE C 51 -7.76 -14.89 4.46
C ILE C 51 -8.00 -13.42 4.19
N SER C 52 -8.83 -13.11 3.19
CA SER C 52 -9.03 -11.72 2.81
C SER C 52 -9.97 -11.02 3.79
N SER C 53 -10.13 -9.70 3.60
CA SER C 53 -10.87 -8.90 4.56
C SER C 53 -12.33 -9.35 4.71
N SER C 54 -12.95 -9.83 3.62
CA SER C 54 -14.33 -10.32 3.68
C SER C 54 -14.40 -11.84 3.63
N SER C 55 -13.26 -12.52 3.79
CA SER C 55 -13.13 -13.97 3.71
C SER C 55 -13.49 -14.54 2.32
N SER C 56 -13.48 -13.73 1.26
CA SER C 56 -13.80 -14.26 -0.07
CA SER C 56 -13.80 -14.23 -0.08
C SER C 56 -12.59 -14.85 -0.77
N TYR C 57 -11.38 -14.63 -0.27
CA TYR C 57 -10.21 -15.37 -0.68
C TYR C 57 -9.63 -16.10 0.54
N ILE C 58 -9.46 -17.42 0.40
CA ILE C 58 -8.89 -18.26 1.43
C ILE C 58 -7.97 -19.23 0.73
N SER C 59 -6.72 -19.38 1.22
CA SER C 59 -5.83 -20.38 0.64
C SER C 59 -4.88 -20.95 1.70
N TYR C 60 -4.25 -22.08 1.35
CA TYR C 60 -3.50 -22.89 2.29
C TYR C 60 -2.27 -23.41 1.59
N ALA C 61 -1.15 -23.43 2.32
CA ALA C 61 0.01 -24.20 1.91
C ALA C 61 -0.40 -25.66 1.73
N ASP C 62 0.19 -26.34 0.74
CA ASP C 62 -0.08 -27.76 0.56
C ASP C 62 0.16 -28.57 1.82
N SER C 63 1.20 -28.25 2.58
CA SER C 63 1.57 -29.07 3.72
C SER C 63 0.52 -29.06 4.83
N VAL C 64 -0.39 -28.10 4.84
CA VAL C 64 -1.43 -28.05 5.85
C VAL C 64 -2.82 -28.23 5.26
N LYS C 65 -2.93 -28.44 3.95
CA LYS C 65 -4.24 -28.52 3.32
C LYS C 65 -5.05 -29.67 3.93
N GLY C 66 -6.30 -29.41 4.26
CA GLY C 66 -7.16 -30.42 4.83
C GLY C 66 -6.99 -30.64 6.32
N ARG C 67 -5.95 -30.09 6.95
CA ARG C 67 -5.83 -30.20 8.40
C ARG C 67 -6.04 -28.88 9.13
N PHE C 68 -5.68 -27.75 8.52
CA PHE C 68 -5.80 -26.44 9.16
C PHE C 68 -6.96 -25.70 8.54
N THR C 69 -7.65 -24.90 9.34
CA THR C 69 -8.75 -24.08 8.86
C THR C 69 -8.56 -22.66 9.39
N ILE C 70 -8.47 -21.70 8.48
CA ILE C 70 -8.32 -20.31 8.85
C ILE C 70 -9.71 -19.68 8.89
N SER C 71 -9.92 -18.75 9.80
CA SER C 71 -11.14 -17.94 9.79
C SER C 71 -10.84 -16.66 10.53
N ARG C 72 -11.78 -15.72 10.43
CA ARG C 72 -11.62 -14.44 11.10
C ARG C 72 -12.98 -13.98 11.57
N ASP C 73 -12.97 -13.02 12.49
CA ASP C 73 -14.20 -12.45 13.03
C ASP C 73 -13.97 -10.95 13.12
N ASN C 74 -14.48 -10.20 12.13
CA ASN C 74 -14.14 -8.78 12.04
C ASN C 74 -14.72 -7.98 13.19
N ALA C 75 -15.89 -8.37 13.70
CA ALA C 75 -16.47 -7.66 14.83
C ALA C 75 -15.61 -7.81 16.09
N LYS C 76 -14.94 -8.94 16.25
CA LYS C 76 -14.05 -9.17 17.38
C LYS C 76 -12.59 -8.86 17.07
N ASN C 77 -12.30 -8.20 15.95
CA ASN C 77 -10.93 -7.92 15.49
C ASN C 77 -10.00 -9.10 15.71
N SER C 78 -10.43 -10.29 15.28
CA SER C 78 -9.69 -11.49 15.57
C SER C 78 -9.50 -12.36 14.34
N LEU C 79 -8.38 -13.08 14.33
CA LEU C 79 -8.02 -14.05 13.31
C LEU C 79 -7.79 -15.39 14.01
N TYR C 80 -8.17 -16.50 13.37
CA TYR C 80 -8.07 -17.81 13.99
C TYR C 80 -7.38 -18.81 13.07
N LEU C 81 -6.77 -19.80 13.68
CA LEU C 81 -6.22 -20.93 12.95
C LEU C 81 -6.56 -22.19 13.75
N GLN C 82 -7.51 -22.97 13.24
CA GLN C 82 -7.84 -24.27 13.81
C GLN C 82 -6.92 -25.30 13.20
N MET C 83 -6.12 -25.97 14.02
CA MET C 83 -5.13 -26.93 13.58
C MET C 83 -5.52 -28.32 14.08
N ASN C 84 -5.78 -29.24 13.15
CA ASN C 84 -6.16 -30.60 13.48
C ASN C 84 -5.11 -31.56 12.94
N SER C 85 -5.15 -32.78 13.47
CA SER C 85 -4.25 -33.85 13.06
C SER C 85 -2.80 -33.37 13.02
N LEU C 86 -2.38 -32.72 14.10
CA LEU C 86 -1.04 -32.16 14.18
C LEU C 86 0.03 -33.24 14.06
N ARG C 87 1.11 -32.91 13.38
CA ARG C 87 2.28 -33.77 13.26
C ARG C 87 3.50 -33.05 13.84
N ALA C 88 4.55 -33.83 14.09
CA ALA C 88 5.74 -33.26 14.72
C ALA C 88 6.31 -32.11 13.89
N GLU C 89 6.32 -32.26 12.56
CA GLU C 89 6.80 -31.23 11.65
C GLU C 89 5.94 -29.97 11.67
N ASP C 90 4.79 -29.96 12.32
CA ASP C 90 4.07 -28.71 12.53
C ASP C 90 4.66 -27.89 13.67
N THR C 91 5.67 -28.41 14.38
CA THR C 91 6.26 -27.66 15.49
C THR C 91 6.91 -26.40 14.97
N ALA C 92 6.55 -25.26 15.53
CA ALA C 92 7.05 -24.00 14.98
C ALA C 92 6.52 -22.86 15.81
N VAL C 93 7.14 -21.69 15.66
CA VAL C 93 6.49 -20.45 16.05
C VAL C 93 5.54 -20.03 14.94
N TYR C 94 4.32 -19.67 15.31
CA TYR C 94 3.29 -19.23 14.35
C TYR C 94 3.12 -17.73 14.50
N PHE C 95 3.34 -16.99 13.42
CA PHE C 95 3.12 -15.55 13.37
C PHE C 95 1.85 -15.26 12.57
N CYS C 96 1.14 -14.21 12.99
CA CYS C 96 0.15 -13.58 12.14
C CYS C 96 0.70 -12.27 11.56
N ALA C 97 0.22 -11.92 10.37
CA ALA C 97 0.67 -10.72 9.67
C ALA C 97 -0.43 -10.24 8.75
N ARG C 98 -0.52 -8.92 8.62
CA ARG C 98 -1.57 -8.29 7.84
C ARG C 98 -1.03 -7.86 6.49
N ASP C 99 -1.93 -7.74 5.50
CA ASP C 99 -1.63 -7.08 4.25
C ASP C 99 -2.92 -6.44 3.76
N TYR C 100 -2.84 -5.18 3.31
CA TYR C 100 -4.06 -4.50 2.90
C TYR C 100 -4.72 -5.25 1.74
N ASP C 101 -6.05 -5.32 1.79
CA ASP C 101 -6.81 -6.13 0.82
C ASP C 101 -7.08 -5.26 -0.41
N PHE C 102 -6.30 -5.49 -1.48
CA PHE C 102 -6.54 -4.83 -2.77
C PHE C 102 -7.44 -5.67 -3.68
N TRP C 103 -8.08 -6.71 -3.16
CA TRP C 103 -9.05 -7.51 -3.91
C TRP C 103 -8.40 -8.19 -5.11
N SER C 104 -7.15 -8.62 -4.93
CA SER C 104 -6.29 -9.28 -5.91
C SER C 104 -5.78 -8.31 -6.97
N ALA C 105 -6.07 -7.01 -6.87
CA ALA C 105 -5.51 -6.08 -7.85
C ALA C 105 -4.00 -5.92 -7.65
N TYR C 106 -3.52 -6.15 -6.43
CA TYR C 106 -2.12 -6.02 -6.08
C TYR C 106 -1.87 -6.89 -4.85
N TYR C 107 -0.74 -7.58 -4.81
CA TYR C 107 -0.39 -8.38 -3.62
C TYR C 107 0.72 -7.63 -2.88
N ASP C 108 0.35 -7.01 -1.76
CA ASP C 108 1.20 -6.12 -0.99
C ASP C 108 2.05 -6.92 0.00
N ALA C 109 3.02 -6.24 0.60
CA ALA C 109 3.86 -6.86 1.62
C ALA C 109 3.07 -7.08 2.90
N PHE C 110 3.55 -8.04 3.70
CA PHE C 110 3.05 -8.25 5.06
C PHE C 110 3.71 -7.18 5.91
N ASP C 111 3.01 -6.07 6.15
CA ASP C 111 3.74 -4.90 6.63
C ASP C 111 3.78 -4.78 8.15
N VAL C 112 2.91 -5.50 8.87
CA VAL C 112 2.94 -5.55 10.32
C VAL C 112 2.80 -7.01 10.73
N TRP C 113 3.67 -7.47 11.63
CA TRP C 113 3.65 -8.83 12.16
C TRP C 113 3.41 -8.82 13.66
N GLY C 114 2.86 -9.93 14.16
CA GLY C 114 2.80 -10.18 15.58
C GLY C 114 4.11 -10.76 16.09
N GLN C 115 4.16 -11.07 17.38
CA GLN C 115 5.39 -11.60 17.96
C GLN C 115 5.46 -13.12 17.91
N GLY C 116 4.37 -13.78 17.58
CA GLY C 116 4.49 -15.22 17.45
C GLY C 116 4.04 -15.94 18.72
N THR C 117 3.50 -17.13 18.53
CA THR C 117 3.15 -18.03 19.61
C THR C 117 3.73 -19.39 19.25
N MET C 118 4.28 -20.08 20.24
CA MET C 118 5.03 -21.31 20.01
C MET C 118 4.12 -22.53 20.09
N VAL C 119 4.34 -23.48 19.19
CA VAL C 119 3.54 -24.70 19.11
C VAL C 119 4.52 -25.84 19.02
N THR C 120 4.43 -26.78 19.95
CA THR C 120 5.26 -27.98 19.96
C THR C 120 4.37 -29.19 19.81
N VAL C 121 4.71 -30.06 18.88
CA VAL C 121 3.97 -31.29 18.67
C VAL C 121 4.94 -32.42 18.96
N SER C 122 4.67 -33.17 20.02
CA SER C 122 5.62 -34.17 20.48
C SER C 122 4.89 -35.29 21.18
N SER C 123 5.33 -36.52 20.94
CA SER C 123 4.80 -37.63 21.71
C SER C 123 5.26 -37.61 23.18
N ALA C 124 6.19 -36.74 23.56
CA ALA C 124 6.67 -36.65 24.94
C ALA C 124 5.85 -35.66 25.74
N SER C 125 5.51 -36.03 26.97
CA SER C 125 4.86 -35.10 27.89
C SER C 125 5.90 -34.16 28.49
N THR C 126 5.42 -33.06 29.06
CA THR C 126 6.32 -32.11 29.69
C THR C 126 6.96 -32.71 30.97
N LYS C 127 8.23 -32.38 31.20
CA LYS C 127 8.99 -32.88 32.34
C LYS C 127 9.80 -31.73 32.90
N GLY C 128 9.64 -31.46 34.19
CA GLY C 128 10.42 -30.45 34.87
C GLY C 128 11.85 -30.90 35.08
N PRO C 129 12.74 -29.95 35.35
CA PRO C 129 14.18 -30.28 35.43
C PRO C 129 14.62 -30.75 36.80
N SER C 130 15.66 -31.58 36.78
CA SER C 130 16.48 -31.83 37.97
C SER C 130 17.59 -30.80 37.99
N VAL C 131 17.80 -30.16 39.14
CA VAL C 131 18.84 -29.13 39.23
C VAL C 131 19.83 -29.48 40.32
N PHE C 132 21.11 -29.37 39.97
CA PHE C 132 22.24 -29.72 40.79
C PHE C 132 23.17 -28.52 40.94
N PRO C 133 23.78 -28.35 42.11
CA PRO C 133 24.73 -27.25 42.31
C PRO C 133 26.05 -27.54 41.61
N LEU C 134 26.64 -26.52 41.02
CA LEU C 134 28.01 -26.58 40.45
C LEU C 134 28.90 -25.75 41.38
N ALA C 135 29.50 -26.43 42.36
CA ALA C 135 30.17 -25.75 43.47
C ALA C 135 31.48 -25.13 43.02
N PRO C 136 31.80 -23.94 43.51
CA PRO C 136 33.12 -23.38 43.25
C PRO C 136 34.18 -24.07 44.07
N SER C 137 35.43 -23.89 43.67
CA SER C 137 36.57 -24.04 44.61
C SER C 137 37.57 -22.92 44.37
N GLY C 143 43.49 -14.29 45.70
CA GLY C 143 42.07 -14.05 45.87
C GLY C 143 41.42 -13.21 44.77
N GLY C 144 41.08 -13.85 43.64
CA GLY C 144 40.43 -13.16 42.54
C GLY C 144 38.95 -13.49 42.39
N THR C 145 38.54 -14.10 41.28
CA THR C 145 37.14 -14.48 41.09
C THR C 145 37.00 -15.99 41.14
N ALA C 146 35.79 -16.45 41.46
CA ALA C 146 35.47 -17.87 41.31
C ALA C 146 34.19 -18.04 40.52
N ALA C 147 34.06 -19.19 39.87
CA ALA C 147 32.89 -19.53 39.07
C ALA C 147 32.06 -20.57 39.82
N LEU C 148 30.76 -20.32 39.92
CA LEU C 148 29.86 -21.30 40.48
C LEU C 148 28.57 -21.27 39.65
N GLY C 149 27.83 -22.37 39.69
CA GLY C 149 26.62 -22.38 38.90
C GLY C 149 25.61 -23.42 39.30
N CYS C 150 24.66 -23.67 38.41
CA CYS C 150 23.80 -24.81 38.64
C CYS C 150 23.49 -25.47 37.30
N LEU C 151 23.37 -26.78 37.37
CA LEU C 151 23.14 -27.63 36.21
C LEU C 151 21.66 -27.98 36.16
N VAL C 152 21.01 -27.70 35.05
CA VAL C 152 19.55 -27.82 34.92
C VAL C 152 19.28 -28.91 33.89
N LYS C 153 18.91 -30.10 34.37
CA LYS C 153 19.01 -31.36 33.64
C LYS C 153 17.64 -31.93 33.25
N ASP C 154 17.55 -32.47 32.03
CA ASP C 154 16.46 -33.36 31.59
C ASP C 154 15.07 -32.71 31.67
N TYR C 155 14.90 -31.58 31.01
CA TYR C 155 13.57 -30.99 30.97
C TYR C 155 13.03 -30.99 29.53
N PHE C 156 11.73 -30.70 29.43
CA PHE C 156 11.04 -30.64 28.13
C PHE C 156 9.66 -30.03 28.29
N PRO C 157 9.25 -29.14 27.39
CA PRO C 157 10.06 -28.58 26.29
C PRO C 157 10.80 -27.31 26.73
N GLU C 158 11.46 -26.62 25.80
CA GLU C 158 11.98 -25.30 26.11
C GLU C 158 10.83 -24.34 26.37
N PRO C 159 11.06 -23.27 27.14
CA PRO C 159 12.32 -22.80 27.74
C PRO C 159 12.36 -22.95 29.25
N VAL C 160 13.55 -22.81 29.84
CA VAL C 160 13.67 -22.52 31.27
C VAL C 160 14.37 -21.18 31.39
N THR C 161 14.00 -20.43 32.43
CA THR C 161 14.71 -19.22 32.79
C THR C 161 15.46 -19.46 34.09
N VAL C 162 16.60 -18.79 34.25
CA VAL C 162 17.43 -18.92 35.44
C VAL C 162 17.75 -17.52 35.95
N SER C 163 17.56 -17.31 37.24
CA SER C 163 17.94 -16.07 37.88
C SER C 163 18.76 -16.43 39.10
N TRP C 164 19.46 -15.43 39.64
CA TRP C 164 20.30 -15.65 40.81
C TRP C 164 19.90 -14.68 41.90
N ASN C 165 19.76 -15.20 43.12
CA ASN C 165 19.29 -14.42 44.26
C ASN C 165 18.07 -13.57 43.91
N SER C 166 17.12 -14.21 43.22
CA SER C 166 15.83 -13.60 42.88
C SER C 166 16.03 -12.30 42.11
N GLY C 167 16.97 -12.29 41.17
CA GLY C 167 17.18 -11.15 40.30
C GLY C 167 18.11 -10.09 40.85
N ALA C 168 18.51 -10.19 42.12
CA ALA C 168 19.39 -9.22 42.74
C ALA C 168 20.86 -9.41 42.35
N LEU C 169 21.19 -10.47 41.61
CA LEU C 169 22.54 -10.74 41.14
C LEU C 169 22.46 -10.94 39.65
N THR C 170 22.93 -9.95 38.90
CA THR C 170 22.90 -9.95 37.44
C THR C 170 24.29 -9.87 36.83
N SER C 171 25.21 -9.20 37.49
CA SER C 171 26.56 -9.05 36.94
C SER C 171 27.31 -10.36 37.08
N GLY C 172 27.99 -10.76 35.98
CA GLY C 172 28.73 -12.00 35.95
C GLY C 172 27.92 -13.24 35.66
N VAL C 173 26.61 -13.10 35.45
CA VAL C 173 25.73 -14.24 35.18
C VAL C 173 25.81 -14.58 33.70
N HIS C 174 26.09 -15.85 33.40
CA HIS C 174 26.04 -16.32 32.02
C HIS C 174 25.21 -17.61 32.03
N THR C 175 24.03 -17.56 31.44
CA THR C 175 23.20 -18.75 31.31
C THR C 175 23.38 -19.28 29.90
N PHE C 176 23.80 -20.51 29.79
CA PHE C 176 24.20 -20.96 28.46
C PHE C 176 23.01 -21.53 27.69
N PRO C 177 23.06 -21.53 26.35
CA PRO C 177 21.97 -22.18 25.60
C PRO C 177 21.95 -23.68 25.83
N ALA C 178 20.75 -24.24 25.89
CA ALA C 178 20.58 -25.65 26.23
C ALA C 178 21.12 -26.57 25.14
N VAL C 179 21.50 -27.75 25.56
CA VAL C 179 21.82 -28.84 24.65
C VAL C 179 20.58 -29.71 24.51
N LEU C 180 20.31 -30.17 23.29
CA LEU C 180 19.22 -31.11 23.06
C LEU C 180 19.80 -32.51 23.09
N GLN C 181 19.39 -33.31 24.06
CA GLN C 181 19.97 -34.64 24.16
C GLN C 181 19.32 -35.58 23.14
N SER C 182 20.08 -36.62 22.77
CA SER C 182 19.55 -37.68 21.93
C SER C 182 18.27 -38.28 22.52
N SER C 183 18.10 -38.24 23.85
CA SER C 183 16.85 -38.67 24.45
C SER C 183 15.67 -37.78 24.10
N GLY C 184 15.90 -36.60 23.52
CA GLY C 184 14.81 -35.66 23.31
C GLY C 184 14.57 -34.67 24.43
N LEU C 185 15.29 -34.78 25.55
CA LEU C 185 15.20 -33.82 26.64
C LEU C 185 16.32 -32.78 26.54
N TYR C 186 16.10 -31.66 27.21
CA TYR C 186 17.05 -30.55 27.22
C TYR C 186 17.78 -30.48 28.56
N SER C 187 19.01 -29.94 28.52
CA SER C 187 19.80 -29.57 29.69
C SER C 187 20.52 -28.26 29.42
N LEU C 188 20.64 -27.40 30.44
CA LEU C 188 21.50 -26.24 30.32
C LEU C 188 22.29 -26.01 31.61
N SER C 189 23.18 -25.03 31.55
CA SER C 189 23.95 -24.59 32.71
C SER C 189 23.91 -23.09 32.80
N SER C 190 23.79 -22.60 34.03
CA SER C 190 23.95 -21.19 34.33
C SER C 190 25.11 -21.04 35.29
N VAL C 191 26.00 -20.09 35.02
CA VAL C 191 27.21 -19.87 35.82
C VAL C 191 27.30 -18.40 36.20
N VAL C 192 27.79 -18.13 37.40
CA VAL C 192 28.02 -16.75 37.80
C VAL C 192 29.46 -16.65 38.30
N THR C 193 30.14 -15.58 37.90
CA THR C 193 31.50 -15.29 38.33
C THR C 193 31.45 -14.30 39.48
N VAL C 194 32.01 -14.68 40.62
CA VAL C 194 31.89 -13.87 41.83
C VAL C 194 33.26 -13.70 42.47
N PRO C 195 33.42 -12.68 43.32
CA PRO C 195 34.67 -12.57 44.08
C PRO C 195 34.85 -13.78 44.99
N SER C 196 36.02 -14.41 44.90
CA SER C 196 36.27 -15.55 45.76
C SER C 196 36.34 -15.17 47.23
N SER C 197 36.56 -13.89 47.54
CA SER C 197 36.54 -13.48 48.94
C SER C 197 35.12 -13.51 49.50
N SER C 198 34.12 -13.25 48.67
CA SER C 198 32.72 -13.34 49.08
C SER C 198 32.26 -14.77 49.37
N LEU C 199 33.01 -15.78 48.95
CA LEU C 199 32.55 -17.16 49.14
C LEU C 199 32.42 -17.47 50.62
N GLY C 200 31.33 -18.16 50.98
CA GLY C 200 31.13 -18.45 52.38
C GLY C 200 30.83 -17.24 53.23
N THR C 201 30.33 -16.16 52.62
CA THR C 201 29.78 -15.02 53.33
C THR C 201 28.54 -14.55 52.60
N GLN C 202 28.67 -14.39 51.29
CA GLN C 202 27.52 -14.17 50.43
C GLN C 202 26.98 -15.54 50.02
N THR C 203 25.72 -15.79 50.29
CA THR C 203 25.15 -17.06 49.92
C THR C 203 24.52 -16.91 48.53
N TYR C 204 24.66 -17.93 47.68
CA TYR C 204 24.26 -17.83 46.28
C TYR C 204 23.17 -18.85 45.96
N ILE C 205 22.08 -18.38 45.35
CA ILE C 205 20.91 -19.21 45.10
C ILE C 205 20.48 -19.02 43.66
N CYS C 206 20.41 -20.11 42.91
CA CYS C 206 19.84 -20.00 41.58
C CYS C 206 18.36 -20.36 41.60
N ASN C 207 17.58 -19.62 40.83
CA ASN C 207 16.13 -19.75 40.77
C ASN C 207 15.78 -20.22 39.37
N VAL C 208 15.39 -21.49 39.26
CA VAL C 208 15.08 -22.11 37.98
C VAL C 208 13.57 -22.13 37.80
N ASN C 209 13.11 -21.65 36.65
CA ASN C 209 11.69 -21.58 36.35
C ASN C 209 11.45 -22.30 35.03
N HIS C 210 10.65 -23.36 35.06
CA HIS C 210 10.26 -24.12 33.88
C HIS C 210 8.74 -24.06 33.77
N LYS C 211 8.24 -23.02 33.11
CA LYS C 211 6.80 -22.81 33.03
C LYS C 211 6.02 -23.94 32.36
N PRO C 212 6.48 -24.56 31.27
CA PRO C 212 5.68 -25.64 30.67
C PRO C 212 5.24 -26.73 31.66
N SER C 213 6.05 -27.00 32.69
CA SER C 213 5.72 -28.04 33.67
C SER C 213 5.27 -27.46 34.99
N ASN C 214 5.18 -26.13 35.11
CA ASN C 214 4.79 -25.48 36.36
C ASN C 214 5.72 -25.87 37.51
N THR C 215 7.01 -25.86 37.24
CA THR C 215 8.05 -26.19 38.22
C THR C 215 8.95 -24.98 38.45
N LYS C 216 9.11 -24.61 39.71
CA LYS C 216 10.15 -23.69 40.16
C LYS C 216 11.06 -24.43 41.11
N VAL C 217 12.38 -24.23 40.97
CA VAL C 217 13.38 -24.84 41.85
C VAL C 217 14.33 -23.76 42.33
N ASP C 218 14.56 -23.72 43.64
CA ASP C 218 15.60 -22.87 44.23
C ASP C 218 16.68 -23.77 44.79
N LYS C 219 17.92 -23.51 44.39
CA LYS C 219 19.07 -24.33 44.80
C LYS C 219 20.19 -23.41 45.26
N LYS C 220 20.60 -23.57 46.51
CA LYS C 220 21.68 -22.77 47.06
C LYS C 220 22.99 -23.47 46.71
N VAL C 221 23.96 -22.70 46.23
CA VAL C 221 25.23 -23.25 45.78
C VAL C 221 26.29 -22.81 46.78
N GLU C 222 26.90 -23.79 47.45
CA GLU C 222 27.87 -23.60 48.53
C GLU C 222 29.23 -24.14 48.13
N PRO C 223 30.31 -23.51 48.63
CA PRO C 223 31.65 -24.03 48.37
C PRO C 223 31.82 -25.43 48.95
N LYS C 224 32.75 -26.18 48.35
CA LYS C 224 33.17 -27.48 48.88
C LYS C 224 32.03 -28.49 48.79
N GLU D 1 14.30 -26.36 -1.31
CA GLU D 1 12.93 -26.86 -1.25
C GLU D 1 11.92 -25.71 -1.09
N SER D 2 12.43 -24.49 -1.12
CA SER D 2 11.58 -23.31 -1.21
C SER D 2 11.45 -22.89 -2.68
N VAL D 3 10.33 -22.23 -2.99
CA VAL D 3 10.03 -21.85 -4.36
C VAL D 3 10.94 -20.70 -4.84
N LEU D 4 11.32 -19.80 -3.93
CA LEU D 4 12.29 -18.76 -4.22
C LEU D 4 13.65 -19.16 -3.66
N THR D 5 14.69 -18.95 -4.44
CA THR D 5 16.00 -19.42 -4.06
C THR D 5 16.86 -18.23 -3.65
N GLN D 6 17.41 -18.29 -2.43
CA GLN D 6 18.37 -17.33 -1.92
C GLN D 6 19.66 -18.05 -1.56
N PRO D 7 20.80 -17.36 -1.60
CA PRO D 7 22.03 -17.95 -1.04
C PRO D 7 21.86 -18.19 0.46
N PRO D 8 22.36 -19.30 0.97
CA PRO D 8 22.26 -19.55 2.41
C PRO D 8 22.91 -18.47 3.27
N SER D 9 24.05 -17.93 2.86
CA SER D 9 24.67 -16.94 3.72
C SER D 9 25.43 -15.94 2.88
N VAL D 10 25.65 -14.76 3.46
CA VAL D 10 26.52 -13.74 2.89
C VAL D 10 27.22 -13.06 4.05
N SER D 11 28.32 -12.38 3.75
CA SER D 11 29.04 -11.74 4.83
C SER D 11 29.85 -10.58 4.29
N GLY D 12 30.18 -9.67 5.19
CA GLY D 12 30.98 -8.51 4.87
C GLY D 12 31.44 -7.87 6.16
N ALA D 13 32.48 -7.02 6.04
CA ALA D 13 32.99 -6.21 7.13
C ALA D 13 32.24 -4.89 7.19
N PRO D 14 32.21 -4.24 8.35
CA PRO D 14 31.54 -2.94 8.45
C PRO D 14 32.05 -2.01 7.37
N GLY D 15 31.12 -1.35 6.67
CA GLY D 15 31.45 -0.44 5.60
C GLY D 15 31.36 -1.04 4.21
N GLN D 16 31.34 -2.37 4.09
CA GLN D 16 31.30 -2.94 2.75
C GLN D 16 29.88 -2.95 2.20
N ARG D 17 29.78 -3.31 0.93
CA ARG D 17 28.51 -3.48 0.25
C ARG D 17 28.31 -4.97 -0.04
N VAL D 18 27.16 -5.52 0.35
CA VAL D 18 26.85 -6.90 0.03
C VAL D 18 25.50 -6.95 -0.67
N THR D 19 25.28 -8.00 -1.43
CA THR D 19 23.99 -8.20 -2.09
C THR D 19 23.47 -9.60 -1.77
N ILE D 20 22.15 -9.73 -1.86
CA ILE D 20 21.45 -10.98 -1.63
C ILE D 20 20.50 -11.18 -2.79
N SER D 21 20.67 -12.28 -3.51
CA SER D 21 19.79 -12.54 -4.65
C SER D 21 18.59 -13.39 -4.25
N CYS D 22 17.56 -13.30 -5.07
CA CYS D 22 16.31 -14.04 -4.91
C CYS D 22 15.90 -14.43 -6.32
N THR D 23 15.91 -15.71 -6.65
CA THR D 23 15.49 -16.14 -7.98
C THR D 23 14.21 -16.97 -7.90
N GLY D 24 13.27 -16.65 -8.77
CA GLY D 24 12.04 -17.38 -8.83
C GLY D 24 11.78 -17.96 -10.21
N SER D 25 10.54 -17.85 -10.66
CA SER D 25 10.09 -18.52 -11.87
C SER D 25 8.97 -17.71 -12.51
N SER D 26 8.43 -18.26 -13.60
CA SER D 26 7.36 -17.59 -14.34
C SER D 26 6.01 -17.63 -13.62
N SER D 27 5.87 -18.43 -12.57
CA SER D 27 4.63 -18.38 -11.79
C SER D 27 4.67 -17.41 -10.61
N ASN D 28 5.82 -16.75 -10.34
CA ASN D 28 5.83 -15.76 -9.27
C ASN D 28 6.50 -14.47 -9.72
N ILE D 29 7.83 -14.36 -9.52
CA ILE D 29 8.52 -13.12 -9.88
C ILE D 29 8.40 -12.84 -11.38
N GLY D 30 8.56 -13.88 -12.21
CA GLY D 30 8.41 -13.70 -13.64
C GLY D 30 7.00 -13.49 -14.14
N ALA D 31 6.00 -13.62 -13.27
CA ALA D 31 4.61 -13.38 -13.65
C ALA D 31 4.16 -11.96 -13.35
N GLY D 32 5.04 -11.07 -12.91
CA GLY D 32 4.63 -9.71 -12.62
C GLY D 32 4.31 -9.42 -11.17
N TYR D 33 4.53 -10.35 -10.24
CA TYR D 33 4.31 -10.07 -8.83
C TYR D 33 5.56 -9.41 -8.26
N ASP D 34 5.36 -8.44 -7.37
CA ASP D 34 6.48 -7.77 -6.73
C ASP D 34 7.17 -8.66 -5.70
N VAL D 35 8.43 -8.34 -5.40
CA VAL D 35 9.19 -9.00 -4.35
C VAL D 35 9.25 -8.08 -3.14
N HIS D 36 8.94 -8.61 -1.97
CA HIS D 36 9.11 -7.88 -0.72
C HIS D 36 10.18 -8.57 0.12
N TRP D 37 10.89 -7.79 0.95
CA TRP D 37 12.00 -8.29 1.76
C TRP D 37 11.75 -8.02 3.25
N TYR D 38 12.15 -8.99 4.06
CA TYR D 38 12.02 -8.94 5.51
C TYR D 38 13.38 -9.19 6.17
N GLN D 39 13.59 -8.50 7.27
CA GLN D 39 14.77 -8.65 8.12
C GLN D 39 14.33 -9.26 9.43
N GLN D 40 14.97 -10.34 9.85
CA GLN D 40 14.68 -10.96 11.14
C GLN D 40 15.95 -10.91 12.00
N LEU D 41 15.95 -10.03 13.01
CA LEU D 41 17.04 -10.02 13.97
C LEU D 41 16.92 -11.25 14.87
N PRO D 42 18.04 -11.75 15.39
CA PRO D 42 18.00 -12.97 16.21
C PRO D 42 16.99 -12.84 17.35
N GLY D 43 16.11 -13.83 17.47
CA GLY D 43 15.09 -13.80 18.50
C GLY D 43 14.05 -12.70 18.38
N THR D 44 13.69 -12.28 17.17
CA THR D 44 12.63 -11.30 16.98
C THR D 44 11.69 -11.78 15.87
N ALA D 45 10.55 -11.12 15.74
CA ALA D 45 9.70 -11.36 14.60
C ALA D 45 10.29 -10.71 13.36
N PRO D 46 10.01 -11.25 12.18
CA PRO D 46 10.36 -10.54 10.94
C PRO D 46 9.77 -9.16 10.92
N LYS D 47 10.49 -8.23 10.27
CA LYS D 47 9.97 -6.90 10.03
C LYS D 47 10.15 -6.55 8.56
N LEU D 48 9.22 -5.74 8.04
CA LEU D 48 9.28 -5.34 6.64
C LEU D 48 10.48 -4.45 6.38
N LEU D 49 11.21 -4.74 5.29
CA LEU D 49 12.44 -4.03 4.96
C LEU D 49 12.36 -3.31 3.63
N ILE D 50 11.91 -3.99 2.58
CA ILE D 50 11.71 -3.42 1.26
C ILE D 50 10.35 -3.92 0.78
N SER D 51 9.51 -3.02 0.28
CA SER D 51 8.25 -3.46 -0.31
C SER D 51 8.24 -3.07 -1.78
N GLY D 52 7.54 -3.87 -2.58
CA GLY D 52 7.33 -3.53 -3.96
C GLY D 52 8.62 -3.38 -4.74
N ASN D 53 9.51 -4.36 -4.56
CA ASN D 53 10.83 -4.45 -5.20
C ASN D 53 11.84 -3.46 -4.65
N SER D 54 11.42 -2.23 -4.35
CA SER D 54 12.42 -1.19 -4.16
C SER D 54 12.03 -0.07 -3.21
N ASN D 55 10.86 -0.14 -2.57
CA ASN D 55 10.40 0.93 -1.67
C ASN D 55 10.82 0.64 -0.23
N ARG D 56 11.27 1.69 0.45
CA ARG D 56 11.74 1.59 1.82
C ARG D 56 10.66 2.09 2.75
N PRO D 57 10.21 1.29 3.71
CA PRO D 57 9.34 1.82 4.77
C PRO D 57 10.03 2.95 5.53
N SER D 58 9.20 3.80 6.14
CA SER D 58 9.71 4.74 7.14
C SER D 58 10.55 4.01 8.16
N GLY D 59 11.71 4.55 8.46
CA GLY D 59 12.57 3.97 9.47
C GLY D 59 13.57 2.96 8.96
N VAL D 60 13.59 2.67 7.67
CA VAL D 60 14.62 1.81 7.08
C VAL D 60 15.64 2.73 6.39
N PRO D 61 16.92 2.67 6.75
CA PRO D 61 17.90 3.61 6.19
C PRO D 61 18.11 3.39 4.69
N ASP D 62 18.59 4.44 4.01
CA ASP D 62 18.77 4.31 2.57
C ASP D 62 19.99 3.48 2.18
N ARG D 63 20.74 2.95 3.16
CA ARG D 63 21.73 1.92 2.87
C ARG D 63 21.11 0.68 2.23
N PHE D 64 19.82 0.46 2.45
CA PHE D 64 19.12 -0.71 1.93
C PHE D 64 18.41 -0.34 0.63
N SER D 65 18.57 -1.17 -0.39
CA SER D 65 17.88 -0.92 -1.65
C SER D 65 17.54 -2.26 -2.29
N GLY D 66 16.56 -2.25 -3.18
CA GLY D 66 16.13 -3.46 -3.84
C GLY D 66 15.90 -3.21 -5.31
N SER D 67 16.03 -4.26 -6.10
CA SER D 67 15.66 -4.18 -7.50
C SER D 67 15.08 -5.51 -7.93
N LYS D 68 14.43 -5.51 -9.09
CA LYS D 68 13.86 -6.72 -9.67
C LYS D 68 14.07 -6.72 -11.18
N SER D 69 14.42 -7.88 -11.73
CA SER D 69 14.63 -8.00 -13.17
C SER D 69 14.31 -9.42 -13.62
N GLY D 70 13.34 -9.57 -14.51
CA GLY D 70 13.02 -10.89 -15.04
C GLY D 70 12.45 -11.81 -13.97
N THR D 71 13.11 -12.94 -13.72
CA THR D 71 12.67 -13.84 -12.66
C THR D 71 13.53 -13.73 -11.40
N SER D 72 14.30 -12.66 -11.25
CA SER D 72 15.21 -12.52 -10.12
CA SER D 72 15.20 -12.52 -10.12
C SER D 72 15.04 -11.15 -9.47
N ALA D 73 15.39 -11.09 -8.19
CA ALA D 73 15.41 -9.85 -7.44
C ALA D 73 16.68 -9.80 -6.61
N SER D 74 17.03 -8.60 -6.16
CA SER D 74 18.27 -8.43 -5.43
C SER D 74 18.08 -7.40 -4.34
N LEU D 75 18.62 -7.70 -3.16
CA LEU D 75 18.68 -6.76 -2.05
C LEU D 75 20.13 -6.33 -1.87
N ALA D 76 20.36 -5.01 -1.78
CA ALA D 76 21.71 -4.49 -1.62
C ALA D 76 21.79 -3.67 -0.34
N ILE D 77 22.88 -3.88 0.40
CA ILE D 77 23.15 -3.17 1.65
C ILE D 77 24.51 -2.51 1.49
N THR D 78 24.53 -1.19 1.47
CA THR D 78 25.80 -0.48 1.48
C THR D 78 26.13 -0.04 2.91
N GLY D 79 27.39 0.32 3.13
CA GLY D 79 27.80 0.81 4.43
C GLY D 79 27.40 -0.14 5.54
N LEU D 80 27.66 -1.43 5.34
CA LEU D 80 27.27 -2.46 6.28
C LEU D 80 27.60 -2.08 7.72
N GLN D 81 26.62 -2.24 8.60
CA GLN D 81 26.74 -1.99 10.04
C GLN D 81 26.54 -3.29 10.80
N ALA D 82 27.06 -3.33 12.03
CA ALA D 82 26.94 -4.51 12.88
C ALA D 82 25.50 -4.89 13.15
N GLU D 83 24.63 -3.89 13.32
CA GLU D 83 23.24 -4.21 13.62
C GLU D 83 22.52 -4.84 12.42
N ASP D 84 23.13 -4.85 11.23
CA ASP D 84 22.58 -5.52 10.06
C ASP D 84 22.72 -7.04 10.11
N GLU D 85 23.46 -7.56 11.08
CA GLU D 85 23.55 -9.01 11.21
C GLU D 85 22.18 -9.58 11.52
N ALA D 86 21.69 -10.46 10.66
CA ALA D 86 20.30 -10.89 10.71
C ALA D 86 20.05 -11.90 9.60
N ASP D 87 18.83 -12.46 9.56
CA ASP D 87 18.36 -13.27 8.46
C ASP D 87 17.47 -12.42 7.56
N TYR D 88 17.61 -12.61 6.24
CA TYR D 88 16.85 -11.84 5.26
C TYR D 88 16.02 -12.78 4.40
N TYR D 89 14.77 -12.40 4.17
CA TYR D 89 13.84 -13.26 3.45
C TYR D 89 13.20 -12.47 2.32
N CYS D 90 13.24 -13.02 1.12
CA CYS D 90 12.44 -12.44 0.07
C CYS D 90 11.06 -13.12 0.01
N GLN D 91 10.10 -12.48 -0.64
CA GLN D 91 8.74 -12.98 -0.68
C GLN D 91 8.07 -12.52 -1.97
N SER D 92 7.19 -13.37 -2.51
CA SER D 92 6.44 -13.03 -3.71
C SER D 92 5.18 -13.90 -3.82
N TYR D 93 4.15 -13.32 -4.41
CA TYR D 93 2.95 -14.11 -4.68
C TYR D 93 3.29 -15.12 -5.76
N ASP D 94 2.76 -16.33 -5.63
CA ASP D 94 2.91 -17.35 -6.65
C ASP D 94 1.51 -17.77 -7.11
N SER D 95 1.20 -17.58 -8.39
CA SER D 95 -0.17 -17.81 -8.84
C SER D 95 -0.53 -19.29 -8.92
N SER D 96 0.45 -20.18 -9.04
CA SER D 96 0.10 -21.60 -9.01
C SER D 96 -0.10 -22.13 -7.58
N LEU D 97 0.43 -21.46 -6.56
CA LEU D 97 0.21 -21.85 -5.18
C LEU D 97 -0.88 -21.01 -4.52
N SER D 98 -1.26 -19.89 -5.12
CA SER D 98 -2.25 -18.97 -4.54
C SER D 98 -1.81 -18.45 -3.17
N GLY D 99 -0.51 -18.27 -2.98
CA GLY D 99 -0.02 -17.75 -1.72
C GLY D 99 1.26 -16.98 -1.96
N SER D 100 1.63 -16.16 -0.96
CA SER D 100 2.80 -15.29 -1.05
C SER D 100 3.94 -16.02 -0.36
N VAL D 101 4.72 -16.78 -1.15
CA VAL D 101 5.75 -17.70 -0.65
C VAL D 101 7.05 -16.96 -0.32
N PHE D 102 7.85 -17.59 0.53
CA PHE D 102 9.09 -17.02 1.05
C PHE D 102 10.31 -17.74 0.46
N GLY D 103 11.36 -16.99 0.16
CA GLY D 103 12.66 -17.59 -0.05
C GLY D 103 13.15 -18.35 1.19
N GLY D 104 14.19 -19.17 0.99
CA GLY D 104 14.76 -19.96 2.07
C GLY D 104 15.50 -19.15 3.14
N GLY D 105 15.75 -17.87 2.90
CA GLY D 105 16.43 -17.04 3.89
C GLY D 105 17.92 -16.98 3.65
N THR D 106 18.49 -15.81 3.96
CA THR D 106 19.94 -15.61 3.89
C THR D 106 20.43 -15.12 5.24
N LYS D 107 21.40 -15.82 5.80
CA LYS D 107 22.04 -15.41 7.04
C LYS D 107 23.15 -14.44 6.68
N LEU D 108 23.01 -13.17 7.11
CA LEU D 108 24.09 -12.21 6.91
C LEU D 108 24.99 -12.13 8.15
N THR D 109 26.28 -12.29 7.95
CA THR D 109 27.27 -12.19 9.03
C THR D 109 28.16 -10.98 8.84
N VAL D 110 28.33 -10.18 9.90
CA VAL D 110 29.19 -9.01 9.87
C VAL D 110 30.58 -9.39 10.41
N LEU D 111 31.60 -9.29 9.56
CA LEU D 111 32.93 -9.80 9.85
C LEU D 111 33.82 -8.70 10.44
N GLY D 112 35.08 -9.06 10.66
CA GLY D 112 36.11 -8.09 10.92
C GLY D 112 36.51 -7.92 12.38
N GLN D 113 35.77 -8.48 13.32
CA GLN D 113 36.11 -8.24 14.71
C GLN D 113 37.37 -9.05 15.11
N PRO D 114 38.12 -8.57 16.09
CA PRO D 114 39.41 -9.21 16.40
C PRO D 114 39.24 -10.61 16.94
N LYS D 115 40.23 -11.45 16.68
CA LYS D 115 40.19 -12.81 17.23
C LYS D 115 40.21 -12.77 18.75
N ALA D 116 39.51 -13.74 19.36
CA ALA D 116 39.42 -13.90 20.80
C ALA D 116 39.41 -15.38 21.15
N ALA D 117 40.30 -15.77 22.07
CA ALA D 117 40.47 -17.13 22.54
C ALA D 117 39.39 -17.45 23.58
N PRO D 118 38.93 -18.71 23.64
CA PRO D 118 37.83 -19.05 24.54
C PRO D 118 38.27 -19.13 25.99
N SER D 119 37.39 -18.67 26.89
CA SER D 119 37.46 -19.06 28.30
C SER D 119 36.79 -20.41 28.47
N VAL D 120 37.43 -21.29 29.21
CA VAL D 120 36.92 -22.64 29.46
C VAL D 120 36.79 -22.82 30.97
N THR D 121 35.63 -23.28 31.41
CA THR D 121 35.35 -23.64 32.79
C THR D 121 34.83 -25.07 32.80
N LEU D 122 35.45 -25.93 33.61
CA LEU D 122 35.07 -27.33 33.69
C LEU D 122 34.64 -27.68 35.11
N PHE D 123 33.43 -28.24 35.23
CA PHE D 123 32.87 -28.66 36.52
C PHE D 123 32.82 -30.17 36.60
N PRO D 124 33.23 -30.76 37.72
CA PRO D 124 33.03 -32.20 37.94
C PRO D 124 31.59 -32.50 38.32
N PRO D 125 31.20 -33.78 38.37
CA PRO D 125 29.88 -34.13 38.90
C PRO D 125 29.72 -33.68 40.34
N SER D 126 28.54 -33.13 40.65
CA SER D 126 28.21 -32.79 42.03
C SER D 126 27.97 -34.07 42.84
N SER D 127 28.24 -33.99 44.14
CA SER D 127 27.93 -35.12 45.01
C SER D 127 26.43 -35.42 45.02
N GLU D 128 25.57 -34.41 44.93
CA GLU D 128 24.14 -34.67 44.86
C GLU D 128 23.77 -35.50 43.63
N GLU D 129 24.35 -35.18 42.46
CA GLU D 129 24.06 -35.98 41.27
C GLU D 129 24.64 -37.39 41.39
N LEU D 130 25.82 -37.52 42.01
CA LEU D 130 26.37 -38.86 42.22
C LEU D 130 25.47 -39.69 43.12
N GLN D 131 24.92 -39.07 44.19
CA GLN D 131 23.95 -39.75 45.03
C GLN D 131 22.73 -40.19 44.24
N ALA D 132 22.33 -39.42 43.22
CA ALA D 132 21.27 -39.85 42.32
C ALA D 132 21.77 -40.85 41.27
N ASN D 133 22.98 -41.37 41.41
CA ASN D 133 23.50 -42.43 40.54
C ASN D 133 23.79 -41.96 39.10
N LYS D 134 24.11 -40.68 38.90
CA LYS D 134 24.50 -40.17 37.59
C LYS D 134 25.76 -39.33 37.74
N ALA D 135 26.37 -38.98 36.61
CA ALA D 135 27.58 -38.18 36.64
C ALA D 135 27.67 -37.41 35.33
N THR D 136 27.69 -36.08 35.43
CA THR D 136 27.81 -35.20 34.29
C THR D 136 29.00 -34.29 34.51
N LEU D 137 29.91 -34.28 33.55
CA LEU D 137 30.96 -33.27 33.49
C LEU D 137 30.49 -32.15 32.54
N VAL D 138 30.77 -30.91 32.92
CA VAL D 138 30.18 -29.74 32.29
C VAL D 138 31.32 -28.83 31.85
N CYS D 139 31.52 -28.72 30.54
CA CYS D 139 32.56 -27.87 29.96
C CYS D 139 31.90 -26.65 29.32
N LEU D 140 32.15 -25.47 29.87
CA LEU D 140 31.55 -24.24 29.40
C LEU D 140 32.59 -23.39 28.68
N ILE D 141 32.24 -22.92 27.48
CA ILE D 141 33.16 -22.25 26.55
C ILE D 141 32.57 -20.91 26.13
N SER D 142 33.27 -19.81 26.43
CA SER D 142 32.69 -18.49 26.20
C SER D 142 33.73 -17.52 25.64
N ASP D 143 33.19 -16.40 25.12
CA ASP D 143 33.98 -15.21 24.72
C ASP D 143 34.95 -15.50 23.59
N PHE D 144 34.58 -16.36 22.64
CA PHE D 144 35.54 -16.66 21.59
C PHE D 144 35.07 -16.11 20.25
N TYR D 145 36.04 -15.81 19.40
CA TYR D 145 35.77 -15.35 18.04
C TYR D 145 36.95 -15.71 17.17
N PRO D 146 36.73 -16.31 15.98
CA PRO D 146 35.41 -16.61 15.41
C PRO D 146 34.70 -17.83 16.03
N GLY D 147 33.51 -18.14 15.53
CA GLY D 147 32.60 -19.00 16.26
C GLY D 147 32.66 -20.49 16.00
N ALA D 148 33.84 -21.04 15.75
CA ALA D 148 33.98 -22.47 15.53
C ALA D 148 34.99 -23.04 16.52
N VAL D 149 34.55 -24.04 17.30
CA VAL D 149 35.45 -24.78 18.18
C VAL D 149 35.22 -26.26 17.93
N THR D 150 36.22 -27.06 18.24
CA THR D 150 36.02 -28.50 18.39
C THR D 150 36.37 -28.87 19.82
N VAL D 151 35.62 -29.81 20.38
CA VAL D 151 35.80 -30.24 21.76
C VAL D 151 36.16 -31.73 21.76
N ALA D 152 37.18 -32.08 22.53
CA ALA D 152 37.58 -33.47 22.73
C ALA D 152 37.71 -33.76 24.22
N TRP D 153 37.24 -34.93 24.64
CA TRP D 153 37.30 -35.34 26.04
C TRP D 153 38.32 -36.45 26.22
N LYS D 154 39.08 -36.38 27.31
CA LYS D 154 40.07 -37.39 27.68
C LYS D 154 39.70 -38.02 29.01
N ALA D 155 39.63 -39.35 29.04
CA ALA D 155 39.64 -40.11 30.29
C ALA D 155 41.10 -40.42 30.61
N ASP D 156 41.62 -39.80 31.67
CA ASP D 156 43.05 -39.78 31.93
C ASP D 156 43.80 -39.17 30.75
N SER D 157 44.28 -40.02 29.84
CA SER D 157 44.94 -39.52 28.64
C SER D 157 44.38 -40.09 27.34
N SER D 158 43.34 -40.90 27.42
CA SER D 158 42.82 -41.51 26.21
C SER D 158 41.47 -40.89 25.81
N PRO D 159 41.17 -40.84 24.52
CA PRO D 159 39.95 -40.17 24.06
C PRO D 159 38.68 -40.88 24.52
N VAL D 160 37.65 -40.07 24.75
CA VAL D 160 36.31 -40.50 25.13
C VAL D 160 35.38 -40.10 23.99
N LYS D 161 34.76 -41.07 23.32
CA LYS D 161 33.84 -40.66 22.26
C LYS D 161 32.39 -40.75 22.71
N ALA D 162 32.06 -41.73 23.55
CA ALA D 162 30.69 -42.00 23.96
C ALA D 162 30.25 -41.05 25.07
N GLY D 163 28.96 -40.72 25.06
CA GLY D 163 28.41 -39.88 26.12
C GLY D 163 28.71 -38.40 26.02
N VAL D 164 29.09 -37.90 24.85
CA VAL D 164 29.39 -36.49 24.65
C VAL D 164 28.26 -35.85 23.86
N GLU D 165 27.75 -34.72 24.35
CA GLU D 165 26.83 -33.86 23.60
C GLU D 165 27.30 -32.42 23.72
N THR D 166 27.56 -31.78 22.57
CA THR D 166 28.08 -30.43 22.47
C THR D 166 27.09 -29.54 21.74
N THR D 167 26.83 -28.34 22.26
CA THR D 167 25.97 -27.39 21.55
C THR D 167 26.71 -26.79 20.36
N THR D 168 25.94 -26.13 19.49
CA THR D 168 26.41 -25.30 18.39
C THR D 168 26.78 -23.92 18.94
N PRO D 169 27.89 -23.33 18.51
CA PRO D 169 28.27 -22.01 19.04
C PRO D 169 27.21 -20.99 18.67
N SER D 170 26.85 -20.15 19.63
CA SER D 170 25.91 -19.08 19.37
C SER D 170 26.41 -17.78 20.02
N LYS D 171 26.01 -16.66 19.44
CA LYS D 171 26.51 -15.36 19.85
C LYS D 171 25.91 -14.95 21.18
N GLN D 172 26.77 -14.43 22.05
CA GLN D 172 26.38 -13.80 23.29
C GLN D 172 25.97 -12.35 23.03
N SER D 173 25.42 -11.72 24.06
CA SER D 173 25.07 -10.31 23.94
C SER D 173 26.29 -9.42 23.76
N ASN D 174 27.50 -9.91 24.05
CA ASN D 174 28.69 -9.11 23.82
C ASN D 174 29.32 -9.36 22.46
N ASN D 175 28.62 -10.08 21.58
CA ASN D 175 29.03 -10.30 20.18
C ASN D 175 30.15 -11.34 20.05
N LYS D 176 30.48 -12.08 21.09
CA LYS D 176 31.33 -13.24 20.96
C LYS D 176 30.50 -14.50 21.16
N TYR D 177 31.14 -15.64 20.94
CA TYR D 177 30.43 -16.91 20.85
C TYR D 177 30.55 -17.72 22.14
N ALA D 178 29.55 -18.57 22.37
CA ALA D 178 29.53 -19.46 23.52
C ALA D 178 29.06 -20.84 23.10
N ALA D 179 29.59 -21.86 23.77
CA ALA D 179 29.15 -23.23 23.54
C ALA D 179 29.32 -24.00 24.83
N SER D 180 28.70 -25.17 24.90
CA SER D 180 28.91 -26.03 26.06
C SER D 180 28.96 -27.46 25.62
N SER D 181 29.64 -28.28 26.43
CA SER D 181 29.83 -29.70 26.17
C SER D 181 29.62 -30.48 27.47
N TYR D 182 28.88 -31.57 27.37
CA TYR D 182 28.47 -32.39 28.51
C TYR D 182 28.98 -33.80 28.29
N LEU D 183 29.69 -34.34 29.28
CA LEU D 183 30.14 -35.73 29.25
C LEU D 183 29.37 -36.51 30.31
N SER D 184 28.58 -37.49 29.86
CA SER D 184 27.83 -38.37 30.74
C SER D 184 28.63 -39.63 31.07
N LEU D 185 28.77 -39.92 32.36
CA LEU D 185 29.46 -41.10 32.86
C LEU D 185 28.59 -41.79 33.92
N THR D 186 28.85 -43.07 34.13
CA THR D 186 28.34 -43.68 35.36
C THR D 186 29.21 -43.24 36.52
N PRO D 187 28.67 -43.24 37.74
CA PRO D 187 29.51 -42.91 38.91
C PRO D 187 30.76 -43.78 39.02
N GLU D 188 30.66 -45.05 38.64
CA GLU D 188 31.83 -45.94 38.73
C GLU D 188 32.92 -45.53 37.74
N GLN D 189 32.52 -45.13 36.52
CA GLN D 189 33.50 -44.61 35.56
C GLN D 189 34.20 -43.37 36.09
N TRP D 190 33.42 -42.44 36.66
CA TRP D 190 34.00 -41.23 37.21
C TRP D 190 35.03 -41.55 38.28
N LYS D 191 34.72 -42.48 39.18
CA LYS D 191 35.61 -42.77 40.29
C LYS D 191 36.80 -43.64 39.88
N SER D 192 36.69 -44.41 38.80
CA SER D 192 37.74 -45.37 38.46
C SER D 192 38.96 -44.68 37.85
N HIS D 193 38.77 -43.61 37.08
CA HIS D 193 39.90 -42.93 36.46
C HIS D 193 40.47 -41.88 37.41
N ARG D 194 41.65 -41.40 37.07
CA ARG D 194 42.32 -40.41 37.88
C ARG D 194 42.00 -38.98 37.43
N SER D 195 41.63 -38.81 36.16
CA SER D 195 41.35 -37.49 35.64
C SER D 195 40.41 -37.58 34.46
N TYR D 196 39.71 -36.47 34.23
CA TYR D 196 39.02 -36.25 32.98
C TYR D 196 39.39 -34.86 32.50
N SER D 197 39.44 -34.70 31.18
CA SER D 197 39.86 -33.44 30.61
C SER D 197 38.92 -33.02 29.49
N CYS D 198 38.68 -31.72 29.43
CA CYS D 198 37.95 -31.08 28.34
C CYS D 198 38.98 -30.31 27.53
N GLN D 199 39.16 -30.66 26.26
CA GLN D 199 40.11 -29.97 25.38
C GLN D 199 39.36 -29.19 24.31
N VAL D 200 39.58 -27.88 24.27
CA VAL D 200 38.86 -27.00 23.35
C VAL D 200 39.85 -26.44 22.35
N THR D 201 39.66 -26.74 21.08
CA THR D 201 40.54 -26.24 20.04
C THR D 201 39.83 -25.14 19.25
N HIS D 202 40.51 -24.00 19.12
CA HIS D 202 39.99 -22.80 18.47
C HIS D 202 41.12 -22.21 17.64
N GLU D 203 40.93 -22.17 16.32
CA GLU D 203 41.94 -21.64 15.41
C GLU D 203 43.31 -22.28 15.65
N GLY D 204 43.31 -23.61 15.76
CA GLY D 204 44.55 -24.35 15.90
C GLY D 204 45.29 -24.16 17.20
N SER D 205 44.64 -23.64 18.24
CA SER D 205 45.22 -23.60 19.58
C SER D 205 44.25 -24.31 20.52
N THR D 206 44.80 -25.17 21.37
CA THR D 206 44.02 -25.99 22.29
C THR D 206 44.10 -25.45 23.71
N VAL D 207 42.95 -25.20 24.32
CA VAL D 207 42.83 -24.92 25.75
C VAL D 207 42.26 -26.17 26.42
N GLU D 208 42.85 -26.58 27.54
CA GLU D 208 42.46 -27.80 28.23
C GLU D 208 42.18 -27.53 29.70
N LYS D 209 41.15 -28.17 30.24
CA LYS D 209 40.88 -28.17 31.67
C LYS D 209 40.71 -29.61 32.14
N THR D 210 41.06 -29.85 33.40
CA THR D 210 41.10 -31.20 33.95
C THR D 210 40.43 -31.23 35.33
N VAL D 211 39.68 -32.28 35.60
CA VAL D 211 39.10 -32.48 36.93
C VAL D 211 39.33 -33.91 37.36
N ALA D 212 39.39 -34.11 38.67
CA ALA D 212 39.66 -35.40 39.29
C ALA D 212 38.66 -35.67 40.41
N PRO D 213 38.32 -36.94 40.64
CA PRO D 213 37.41 -37.27 41.74
C PRO D 213 38.00 -36.89 43.11
N THR D 214 37.10 -36.55 44.04
CA THR D 214 37.47 -36.23 45.43
C THR D 214 36.90 -37.24 46.42
C6 TWD E . -21.46 -5.98 -48.53
C6 TWD E . -21.04 -4.18 -48.28
C5 TWD E . -21.45 -7.32 -49.32
C5 TWD E . -21.38 -3.54 -46.90
C1 TWD E . -21.87 -9.48 -48.01
C1 TWD E . -22.95 -3.48 -44.98
C2 TWD E . -20.40 -9.46 -47.65
C2 TWD E . -22.74 -1.98 -44.77
C3 TWD E . -19.58 -9.14 -48.85
C3 TWD E . -21.66 -1.35 -45.60
C4 TWD E . -20.00 -7.81 -49.47
C4 TWD E . -21.42 -2.02 -46.96
O6 TWD E . -22.35 -4.98 -49.17
O6 TWD E . -21.51 -5.58 -48.38
O5 TWD E . -22.43 -8.25 -48.68
O5 TWD E . -22.63 -4.08 -46.34
O1 TWD E . -22.19 -10.64 -48.67
O1 TWD E . -22.43 -4.24 -43.96
O2 TWD E . -20.06 -10.75 -47.04
O2 TWD E . -22.41 -1.74 -43.37
O16 TWD E . -19.26 -10.53 -44.42
O16 TWD E . -24.60 -3.19 -42.52
O17 TWD E . -20.79 -12.64 -45.17
O17 TWD E . -24.61 -0.49 -42.27
O18 TWD E . -21.90 -10.19 -45.08
O18 TWD E . -22.95 -1.95 -40.72
O3 TWD E . -18.19 -8.93 -48.48
O3 TWD E . -21.80 0.09 -45.80
O22 TWD E . -17.17 -10.91 -46.97
O22 TWD E . -22.72 0.78 -43.31
O23 TWD E . -15.56 -9.63 -48.71
O23 TWD E . -24.41 0.85 -45.40
O24 TWD E . -17.48 -11.28 -49.67
O24 TWD E . -22.49 2.67 -45.20
O4 TWD E . -19.60 -7.76 -50.85
O4 TWD E . -20.18 -1.53 -47.48
S15 TWD E . -20.51 -11.03 -45.45
S15 TWD E . -23.63 -1.84 -42.23
S21 TWD E . -17.11 -10.19 -48.47
S21 TWD E . -22.84 1.08 -44.93
C6 TWA E . -24.58 -0.68 -48.76
C6 TWA E . -19.05 -8.52 -51.24
C5 TWA E . -24.40 -2.02 -48.13
C5 TWA E . -18.82 -7.71 -50.00
C1 TWA E . -22.96 -4.01 -48.31
C1 TWA E . -20.51 -6.59 -48.56
C2 TWA E . -22.13 -3.56 -47.10
C2 TWA E . -20.96 -7.97 -48.09
C3 TWA E . -23.09 -2.91 -46.11
C3 TWA E . -19.75 -8.86 -47.87
C4 TWA E . -23.90 -1.81 -46.71
C4 TWA E . -18.64 -8.69 -48.84
O6 TWA E . -24.91 -0.86 -50.12
O6 TWA E . -18.02 -8.27 -52.18
O5 TWA E . -23.48 -2.85 -49.02
O5 TWA E . -19.93 -6.66 -49.90
O2 TWA E . -21.15 -2.57 -47.53
O2 TWA E . -21.80 -8.54 -49.12
O34 TWA E . -19.82 -3.17 -45.18
O34 TWA E . -21.17 -11.17 -49.48
O35 TWA E . -20.14 -0.60 -45.95
O35 TWA E . -23.70 -10.29 -49.92
O36 TWA E . -18.46 -2.20 -47.34
O36 TWA E . -22.78 -10.43 -47.40
O3 TWA E . -23.92 -3.96 -45.48
O3 TWA E . -19.25 -8.74 -46.49
O40 TWA E . -24.39 -5.79 -43.52
O40 TWA E . -18.22 -9.82 -44.26
O41 TWA E . -24.46 -3.14 -42.97
O41 TWA E . -19.04 -11.48 -46.21
O42 TWA E . -22.09 -4.38 -43.44
O42 TWA E . -20.85 -10.12 -44.74
O4 TWA E . -24.95 -1.25 -45.83
O4 TWA E . -17.36 -8.41 -48.13
O46 TWA E . -22.85 -0.18 -44.41
O46 TWA E . -16.48 -10.50 -46.58
O47 TWA E . -25.24 -0.55 -43.17
O47 TWA E . -14.65 -8.98 -47.83
O48 TWA E . -24.94 1.41 -44.99
O48 TWA E . -16.20 -10.65 -49.27
S33 TWA E . -19.89 -2.13 -46.50
S33 TWA E . -22.37 -10.11 -48.98
S39 TWA E . -23.70 -4.32 -43.86
S39 TWA E . -19.35 -10.04 -45.44
S45 TWA E . -24.50 -0.13 -44.60
S45 TWA E . -16.17 -9.64 -47.96
NA NA F . -11.49 13.45 -12.66
NA NA G . -21.92 4.91 7.31
#